data_8I7V
#
_entry.id   8I7V
#
_cell.length_a   1.00
_cell.length_b   1.00
_cell.length_c   1.00
_cell.angle_alpha   90.00
_cell.angle_beta   90.00
_cell.angle_gamma   90.00
#
_symmetry.space_group_name_H-M   'P 1'
#
loop_
_entity.id
_entity.type
_entity.pdbx_description
1 polymer 'Human hydroxycarboxylic acid receptor 2,Hydroxycarboxylic acid receptor 2,Hydroxycarboxylic acid receptor 2'
2 polymer 'Guanine nucleotide-binding protein G(i) subunit alpha-1'
3 polymer 'Guanine nucleotide-binding protein G(I)/G(S)/G(T) subunit beta-1'
4 polymer 'Guanine nucleotide-binding protein G(I)/G(S)/G(O) subunit gamma-2'
5 polymer scFv16
6 non-polymer '5-methyl-4-oxidanyl-pyrazin-4-ium-2-carboxylic acid'
#
loop_
_entity_poly.entity_id
_entity_poly.type
_entity_poly.pdbx_seq_one_letter_code
_entity_poly.pdbx_strand_id
1 'polypeptide(L)'
;GPGAPADLEDNWETLNDNLKVIEKADNAAQVKDALTKMRAAALDAQKATPPKLEDKSPDSPEMKDFRHGFDILVGQIDDA
LKLANEGKVKEAQAAAEQLKTTRNAYIQKYLEFMNRHHLQDHFLEIDKKNCCVFRDDFIVKVLPPVLGLEFIFGLLGNGL
ALWIFCFHLKSWKSSRIFLFNLAVADFLLIICLPFLMDNYVRRWDWKFGDIPCRLMLFMLAMNRQGSIIFLTVVAVDRYF
RVVHPHHALNKISNRTAAIISCLLWGITIGLTVHLLKKKMPIQNGGANLCSSFSICHTFQWHEAMFLLEFFLPLGIILFC
SARIIWSLRQRQMDRHAKIKRAITFIMVVAIVFVICFLPSVVVRIRIFWLLHTSGTQNCEVYRSVDLAFFITLSFTYMNS
MLDPVVYYFSSPSFPNFFSTLINRCLQRKMTGEPDNNRSTSVELTGDPNKTRGAPEALMANSGEPWSPSYLGPTSP
;
A
2 'polypeptide(L)'
;MGCTLSAEDKAAVERSKMIDRNLREDGEKAAREVKLLLLGAGESGKSTIVKQMKIIHEAGYSEEECKQYKAVVYSNTIQS
IIAIIRAMGRLKIDFGDSARADDARQLFVLAGAAEEGFMTAELAGVIKRLWKDSGVQACFNRSREYQLNDSAAYYLNDLD
RIAQPNYIPTQQDVLRTRVKTTGIVETHFTFKDLHFKMFDVGGQRSERKKWIHCFEGVTAIIFCVALSDYDLVLAEDEEM
NRMHESMKLFDSICNNKWFTDTSIILFLNKKDLFEEKIKKSPLTICYPEYAGSNTYEEAAAYIQCQFEDLNKRKDTKEIY
THFTCATDTKNVQFVFDAVTDVIIKNNLKDCGLF
;
B
3 'polypeptide(L)'
;GPGSSGSELDQLRQEAEQLKNQIRDARKACADATLSQITNNIDPVGRIQMRTRRTLRGHLAKIYAMHWGTDSRLLVSASQ
DGKLIIWDSYTTNKVHAIPLRSSWVMTCAYAPSGNYVACGGLDNICSIYNLKTREGNVRVSRELAGHTGYLSCCRFLDDN
QIVTSSGDTTCALWDIETGQQTTTFTGHTGDVMSLSLAPDTRLFVSGACDASAKLWDVREGMCRQTFTGHESDINAICFF
PNGNAFATGSDDATCRLFDLRADQELMTYSHDNIICGITSVSFSKSGRLLLAGYDDFNCNVWDALKADRAGVLAGHDNRV
SCLGVTDDGMAVATGSWDSFLKIWN
;
C
4 'polypeptide(L)' MASNNTASIAQARKLVEQLKMEANIDRIKVSKAAADLMAYCEAHAKEDPLLTPVPASENPFREKKFFCAILGSAGSAGSA D
5 'polypeptide(L)'
;DVQLVESGGGLVQPGGSRKLSCSASGFAFSSFGMHWVRQAPEKGLEWVAYISSGSGTIYYADTVKGRFTISRDDPKNTLF
LQMTSLRSEDTAMYYCVRSIYYYGSSPFDFWGQGTTLTVSSGGGGSGGGGSGGGGSDIVMTQATSSVPVTPGESVSISCR
SSKSLLHSNGNTYLYWFLQRPGQSPQLLIYRMSNLASGVPDRFSGSGSGTAFTLTISRLEAEDVGVYYCMQHLEYPLTFG
AGTKLELKAAALEVLFQ
;
E
#
loop_
_chem_comp.id
_chem_comp.type
_chem_comp.name
_chem_comp.formula
OJX non-polymer '5-methyl-4-oxidanyl-pyrazin-4-ium-2-carboxylic acid' 'C6 H7 N2 O3 1'
#
# COMPACT_ATOMS: atom_id res chain seq x y z
N HIS A 122 34.74 -36.06 43.34
CA HIS A 122 33.63 -35.23 42.89
C HIS A 122 34.06 -33.78 42.76
N PHE A 123 35.26 -33.47 43.22
CA PHE A 123 35.78 -32.11 43.25
C PHE A 123 36.64 -31.85 42.02
N LEU A 124 36.40 -30.71 41.36
CA LEU A 124 37.15 -30.35 40.16
C LEU A 124 37.11 -28.83 40.02
N GLU A 125 38.23 -28.18 40.37
CA GLU A 125 38.34 -26.73 40.23
C GLU A 125 38.64 -26.37 38.78
N ILE A 126 38.04 -25.28 38.29
CA ILE A 126 38.14 -24.94 36.88
C ILE A 126 39.31 -23.98 36.64
N ASP A 127 39.20 -22.74 37.13
CA ASP A 127 40.31 -21.79 37.10
C ASP A 127 40.68 -21.29 38.48
N LYS A 128 39.72 -20.73 39.21
CA LYS A 128 39.92 -20.30 40.58
C LYS A 128 38.70 -20.60 41.45
N LYS A 129 37.71 -21.29 40.90
CA LYS A 129 36.47 -21.60 41.58
C LYS A 129 36.46 -23.08 41.95
N ASN A 130 36.17 -23.37 43.22
CA ASN A 130 36.09 -24.74 43.70
C ASN A 130 34.73 -25.33 43.32
N CYS A 131 34.73 -26.35 42.46
CA CYS A 131 33.51 -26.85 41.87
C CYS A 131 33.36 -28.35 42.13
N CYS A 132 32.14 -28.77 42.44
CA CYS A 132 31.79 -30.17 42.64
C CYS A 132 31.01 -30.65 41.42
N VAL A 133 31.47 -31.72 40.79
CA VAL A 133 30.89 -32.24 39.56
C VAL A 133 30.52 -33.70 39.77
N PHE A 134 29.33 -34.08 39.33
CA PHE A 134 28.81 -35.44 39.50
C PHE A 134 28.46 -36.05 38.15
N ARG A 135 28.57 -37.37 38.08
CA ARG A 135 28.27 -38.15 36.88
C ARG A 135 27.28 -39.26 37.22
N ASP A 136 26.21 -38.89 37.92
CA ASP A 136 25.24 -39.88 38.40
C ASP A 136 24.56 -40.60 37.25
N ASP A 137 24.28 -41.88 37.46
CA ASP A 137 23.68 -42.72 36.43
C ASP A 137 22.19 -42.44 36.23
N PHE A 138 21.56 -41.67 37.10
CA PHE A 138 20.16 -41.31 36.89
C PHE A 138 19.98 -40.29 35.78
N ILE A 139 21.07 -39.70 35.29
CA ILE A 139 20.96 -38.73 34.20
C ILE A 139 20.63 -39.42 32.89
N VAL A 140 20.82 -40.73 32.80
CA VAL A 140 20.59 -41.47 31.57
C VAL A 140 19.32 -42.30 31.59
N LYS A 141 18.71 -42.50 32.75
CA LYS A 141 17.51 -43.31 32.83
C LYS A 141 16.25 -42.54 32.45
N VAL A 142 16.21 -41.23 32.73
CA VAL A 142 14.99 -40.45 32.60
C VAL A 142 15.14 -39.31 31.60
N LEU A 143 16.29 -38.63 31.58
CA LEU A 143 16.41 -37.42 30.76
C LEU A 143 16.35 -37.70 29.26
N PRO A 144 17.05 -38.69 28.71
CA PRO A 144 16.99 -38.90 27.25
C PRO A 144 15.58 -39.13 26.73
N PRO A 145 14.73 -39.92 27.41
CA PRO A 145 13.36 -40.09 26.88
C PRO A 145 12.52 -38.81 26.89
N VAL A 146 12.51 -38.09 28.02
CA VAL A 146 11.70 -36.88 28.09
C VAL A 146 12.21 -35.84 27.10
N LEU A 147 13.54 -35.73 26.96
CA LEU A 147 14.09 -34.79 25.99
C LEU A 147 13.83 -35.22 24.55
N GLY A 148 13.77 -36.53 24.28
CA GLY A 148 13.41 -36.98 22.95
C GLY A 148 11.98 -36.63 22.60
N LEU A 149 11.06 -36.87 23.55
CA LEU A 149 9.67 -36.46 23.34
C LEU A 149 9.58 -34.95 23.14
N GLU A 150 10.30 -34.19 23.95
CA GLU A 150 10.29 -32.73 23.83
C GLU A 150 10.80 -32.32 22.46
N PHE A 151 11.89 -32.93 21.99
CA PHE A 151 12.44 -32.60 20.69
C PHE A 151 11.43 -32.87 19.59
N ILE A 152 10.81 -34.05 19.61
CA ILE A 152 9.89 -34.41 18.52
C ILE A 152 8.68 -33.47 18.50
N PHE A 153 8.03 -33.30 19.65
CA PHE A 153 6.83 -32.46 19.67
C PHE A 153 7.16 -31.00 19.39
N GLY A 154 8.27 -30.49 19.95
CA GLY A 154 8.65 -29.12 19.68
C GLY A 154 9.03 -28.89 18.23
N LEU A 155 9.73 -29.86 17.63
CA LEU A 155 10.06 -29.75 16.22
C LEU A 155 8.82 -29.68 15.37
N LEU A 156 7.86 -30.58 15.61
CA LEU A 156 6.62 -30.55 14.84
C LEU A 156 5.88 -29.22 15.04
N GLY A 157 5.70 -28.82 16.29
CA GLY A 157 4.94 -27.62 16.58
C GLY A 157 5.57 -26.37 16.02
N ASN A 158 6.87 -26.20 16.23
CA ASN A 158 7.55 -25.00 15.76
C ASN A 158 7.74 -25.01 14.25
N GLY A 159 7.95 -26.16 13.63
CA GLY A 159 7.97 -26.22 12.18
C GLY A 159 6.65 -25.82 11.58
N LEU A 160 5.55 -26.33 12.13
CA LEU A 160 4.24 -25.91 11.65
C LEU A 160 4.01 -24.42 11.90
N ALA A 161 4.44 -23.92 13.05
CA ALA A 161 4.25 -22.50 13.37
C ALA A 161 5.01 -21.62 12.38
N LEU A 162 6.27 -21.94 12.11
CA LEU A 162 7.06 -21.16 11.16
C LEU A 162 6.52 -21.29 9.75
N TRP A 163 6.08 -22.49 9.37
CA TRP A 163 5.51 -22.72 8.05
C TRP A 163 4.26 -21.86 7.84
N ILE A 164 3.40 -21.80 8.86
CA ILE A 164 2.21 -20.96 8.76
C ILE A 164 2.59 -19.47 8.80
N PHE A 165 3.57 -19.11 9.63
CA PHE A 165 3.93 -17.71 9.77
C PHE A 165 4.52 -17.14 8.49
N CYS A 166 5.35 -17.92 7.80
CA CYS A 166 5.98 -17.44 6.58
C CYS A 166 5.00 -17.49 5.40
N PHE A 167 4.43 -18.66 5.14
CA PHE A 167 3.65 -18.85 3.92
C PHE A 167 2.21 -18.39 4.07
N HIS A 168 1.43 -19.07 4.92
CA HIS A 168 -0.01 -18.86 4.99
C HIS A 168 -0.37 -17.91 6.13
N LEU A 169 0.08 -16.65 6.02
CA LEU A 169 -0.32 -15.62 6.97
C LEU A 169 -1.03 -14.46 6.30
N LYS A 170 -0.40 -13.82 5.30
CA LYS A 170 -0.96 -12.66 4.62
C LYS A 170 -1.28 -11.51 5.58
N SER A 171 -0.59 -11.45 6.71
CA SER A 171 -0.78 -10.39 7.70
C SER A 171 0.36 -10.39 8.71
N TRP A 172 0.96 -9.23 8.96
CA TRP A 172 2.11 -9.15 9.86
C TRP A 172 1.86 -8.28 11.07
N LYS A 173 1.43 -7.03 10.88
CA LYS A 173 1.25 -6.08 11.98
C LYS A 173 2.51 -6.00 12.84
N SER A 174 2.36 -5.90 14.16
CA SER A 174 3.50 -5.76 15.05
C SER A 174 3.62 -6.89 16.07
N SER A 175 2.51 -7.33 16.66
CA SER A 175 2.58 -8.40 17.64
C SER A 175 3.00 -9.73 17.02
N ARG A 176 2.61 -9.97 15.76
CA ARG A 176 3.03 -11.18 15.09
C ARG A 176 4.54 -11.18 14.86
N ILE A 177 5.17 -10.01 14.80
CA ILE A 177 6.63 -9.97 14.71
C ILE A 177 7.26 -10.54 15.98
N PHE A 178 6.74 -10.13 17.14
CA PHE A 178 7.24 -10.66 18.40
C PHE A 178 6.93 -12.16 18.53
N LEU A 179 5.76 -12.59 18.09
CA LEU A 179 5.44 -14.01 18.11
C LEU A 179 6.37 -14.80 17.20
N PHE A 180 6.70 -14.26 16.03
CA PHE A 180 7.63 -14.91 15.12
C PHE A 180 9.03 -15.00 15.72
N ASN A 181 9.46 -13.94 16.42
CA ASN A 181 10.76 -13.98 17.08
C ASN A 181 10.78 -15.03 18.19
N LEU A 182 9.69 -15.13 18.95
CA LEU A 182 9.59 -16.17 19.97
C LEU A 182 9.65 -17.56 19.33
N ALA A 183 8.95 -17.75 18.21
CA ALA A 183 8.99 -19.03 17.51
C ALA A 183 10.40 -19.34 17.01
N VAL A 184 11.10 -18.31 16.53
CA VAL A 184 12.47 -18.50 16.05
C VAL A 184 13.38 -18.96 17.19
N ALA A 185 13.25 -18.31 18.36
CA ALA A 185 14.05 -18.73 19.52
C ALA A 185 13.73 -20.15 19.94
N ASP A 186 12.44 -20.50 19.97
CA ASP A 186 12.06 -21.86 20.35
C ASP A 186 12.60 -22.88 19.36
N PHE A 187 12.53 -22.58 18.07
CA PHE A 187 13.06 -23.50 17.06
C PHE A 187 14.57 -23.65 17.17
N LEU A 188 15.27 -22.54 17.45
CA LEU A 188 16.71 -22.61 17.60
C LEU A 188 17.12 -23.41 18.84
N LEU A 189 16.29 -23.40 19.88
CA LEU A 189 16.56 -24.27 21.02
C LEU A 189 16.23 -25.73 20.71
N ILE A 190 15.15 -25.96 19.97
CA ILE A 190 14.73 -27.33 19.67
C ILE A 190 15.76 -28.03 18.78
N ILE A 191 16.26 -27.32 17.75
CA ILE A 191 17.27 -27.92 16.89
C ILE A 191 18.57 -28.17 17.64
N CYS A 192 18.80 -27.48 18.74
CA CYS A 192 19.96 -27.69 19.59
C CYS A 192 19.76 -28.85 20.56
N LEU A 193 18.51 -29.17 20.90
CA LEU A 193 18.23 -30.24 21.85
C LEU A 193 18.87 -31.59 21.54
N PRO A 194 18.88 -32.11 20.30
CA PRO A 194 19.44 -33.46 20.10
C PRO A 194 20.90 -33.61 20.49
N PHE A 195 21.68 -32.54 20.46
CA PHE A 195 23.05 -32.65 20.94
C PHE A 195 23.08 -32.81 22.46
N LEU A 196 22.17 -32.14 23.17
CA LEU A 196 21.99 -32.41 24.59
C LEU A 196 21.55 -33.85 24.81
N MET A 197 20.68 -34.37 23.95
CA MET A 197 20.34 -35.79 23.96
C MET A 197 21.61 -36.64 23.96
N ASP A 198 22.45 -36.45 22.93
CA ASP A 198 23.64 -37.28 22.78
C ASP A 198 24.60 -37.10 23.96
N ASN A 199 24.65 -35.91 24.55
CA ASN A 199 25.43 -35.74 25.78
C ASN A 199 24.86 -36.58 26.91
N TYR A 200 23.53 -36.59 27.06
CA TYR A 200 22.92 -37.24 28.21
C TYR A 200 22.99 -38.76 28.10
N VAL A 201 22.85 -39.31 26.89
CA VAL A 201 22.79 -40.75 26.73
C VAL A 201 24.07 -41.43 27.17
N ARG A 202 25.20 -40.72 27.18
CA ARG A 202 26.47 -41.32 27.58
C ARG A 202 27.09 -40.65 28.80
N ARG A 203 26.27 -40.03 29.65
CA ARG A 203 26.64 -39.58 30.99
C ARG A 203 27.82 -38.59 30.95
N TRP A 204 27.53 -37.43 30.38
CA TRP A 204 28.47 -36.30 30.35
C TRP A 204 29.74 -36.68 29.61
N ASP A 205 29.59 -37.14 28.37
CA ASP A 205 30.69 -37.63 27.55
C ASP A 205 30.70 -36.92 26.20
N TRP A 206 30.62 -35.59 26.24
CA TRP A 206 30.64 -34.79 25.02
C TRP A 206 31.91 -35.05 24.21
N LYS A 207 31.72 -35.32 22.91
CA LYS A 207 32.80 -35.74 22.04
C LYS A 207 32.94 -34.91 20.76
N PHE A 208 32.06 -33.93 20.54
CA PHE A 208 32.07 -33.21 19.28
C PHE A 208 33.34 -32.39 19.11
N GLY A 209 33.63 -31.51 20.06
CA GLY A 209 34.81 -30.67 19.94
C GLY A 209 34.76 -29.50 20.90
N ASP A 210 35.43 -28.42 20.51
CA ASP A 210 35.51 -27.22 21.34
C ASP A 210 34.50 -26.16 20.88
N ILE A 211 34.58 -25.77 19.61
CA ILE A 211 33.66 -24.76 19.10
C ILE A 211 32.20 -25.21 19.16
N PRO A 212 31.86 -26.51 18.91
CA PRO A 212 30.44 -26.91 18.87
C PRO A 212 29.86 -26.91 20.29
N CYS A 213 30.67 -27.07 21.33
CA CYS A 213 30.17 -26.99 22.70
C CYS A 213 29.89 -25.55 23.10
N ARG A 214 30.79 -24.63 22.75
CA ARG A 214 30.52 -23.21 22.93
C ARG A 214 29.25 -22.81 22.20
N LEU A 215 29.09 -23.28 20.96
CA LEU A 215 27.89 -22.94 20.21
C LEU A 215 26.65 -23.48 20.87
N MET A 216 26.70 -24.72 21.40
CA MET A 216 25.55 -25.23 22.14
C MET A 216 25.21 -24.35 23.32
N LEU A 217 26.19 -24.08 24.18
CA LEU A 217 25.88 -23.35 25.41
C LEU A 217 25.39 -21.94 25.09
N PHE A 218 26.05 -21.26 24.15
CA PHE A 218 25.64 -19.92 23.76
C PHE A 218 24.23 -19.94 23.18
N MET A 219 23.95 -20.89 22.27
CA MET A 219 22.63 -20.95 21.66
C MET A 219 21.56 -21.26 22.69
N LEU A 220 21.80 -22.21 23.59
CA LEU A 220 20.80 -22.55 24.60
C LEU A 220 20.51 -21.36 25.49
N ALA A 221 21.55 -20.75 26.06
CA ALA A 221 21.33 -19.64 26.99
C ALA A 221 20.71 -18.44 26.27
N MET A 222 21.22 -18.10 25.08
CA MET A 222 20.72 -16.95 24.36
C MET A 222 19.28 -17.16 23.90
N ASN A 223 18.94 -18.38 23.47
CA ASN A 223 17.58 -18.64 23.02
C ASN A 223 16.61 -18.67 24.18
N ARG A 224 17.02 -19.20 25.34
CA ARG A 224 16.16 -19.13 26.52
C ARG A 224 15.95 -17.68 26.94
N GLN A 225 17.01 -16.88 26.95
CA GLN A 225 16.86 -15.46 27.28
C GLN A 225 15.99 -14.74 26.27
N GLY A 226 16.15 -15.04 24.97
CA GLY A 226 15.33 -14.40 23.97
C GLY A 226 13.87 -14.78 24.09
N SER A 227 13.60 -16.06 24.40
CA SER A 227 12.24 -16.48 24.64
C SER A 227 11.64 -15.74 25.82
N ILE A 228 12.41 -15.59 26.90
CA ILE A 228 11.88 -14.90 28.08
C ILE A 228 11.64 -13.42 27.79
N ILE A 229 12.58 -12.76 27.12
CA ILE A 229 12.40 -11.34 26.80
C ILE A 229 11.24 -11.13 25.85
N PHE A 230 11.06 -12.02 24.88
CA PHE A 230 9.94 -11.85 23.96
C PHE A 230 8.61 -12.22 24.63
N LEU A 231 8.62 -13.13 25.60
CA LEU A 231 7.44 -13.33 26.44
C LEU A 231 7.09 -12.06 27.18
N THR A 232 8.11 -11.40 27.76
CA THR A 232 7.87 -10.14 28.47
C THR A 232 7.38 -9.06 27.51
N VAL A 233 7.91 -9.03 26.29
CA VAL A 233 7.49 -8.05 25.31
C VAL A 233 6.04 -8.27 24.91
N VAL A 234 5.65 -9.52 24.68
CA VAL A 234 4.26 -9.83 24.37
C VAL A 234 3.35 -9.45 25.54
N ALA A 235 3.81 -9.72 26.77
CA ALA A 235 3.01 -9.36 27.94
C ALA A 235 2.83 -7.85 28.06
N VAL A 236 3.89 -7.08 27.82
CA VAL A 236 3.78 -5.62 27.88
C VAL A 236 2.91 -5.11 26.74
N ASP A 237 3.00 -5.74 25.57
CA ASP A 237 2.14 -5.37 24.45
C ASP A 237 0.67 -5.57 24.82
N ARG A 238 0.35 -6.70 25.42
CA ARG A 238 -1.02 -6.94 25.85
C ARG A 238 -1.45 -5.97 26.93
N TYR A 239 -0.54 -5.65 27.87
CA TYR A 239 -0.87 -4.70 28.93
C TYR A 239 -1.17 -3.31 28.35
N PHE A 240 -0.39 -2.88 27.36
CA PHE A 240 -0.64 -1.60 26.73
C PHE A 240 -1.89 -1.64 25.86
N ARG A 241 -2.23 -2.80 25.32
CA ARG A 241 -3.44 -2.93 24.53
C ARG A 241 -4.71 -3.07 25.36
N VAL A 242 -4.58 -3.37 26.66
CA VAL A 242 -5.73 -3.58 27.51
C VAL A 242 -5.89 -2.50 28.57
N VAL A 243 -4.79 -1.92 29.07
CA VAL A 243 -4.87 -0.90 30.11
C VAL A 243 -4.60 0.51 29.60
N HIS A 244 -3.90 0.66 28.48
CA HIS A 244 -3.71 1.95 27.84
C HIS A 244 -4.07 1.84 26.36
N PRO A 245 -5.33 1.54 26.04
CA PRO A 245 -5.69 1.31 24.64
C PRO A 245 -5.48 2.52 23.75
N HIS A 246 -5.62 3.74 24.29
CA HIS A 246 -5.37 4.96 23.53
C HIS A 246 -3.95 5.46 23.81
N HIS A 247 -2.98 4.64 23.40
CA HIS A 247 -1.58 4.96 23.55
C HIS A 247 -0.88 4.78 22.21
N ALA A 248 0.22 5.52 22.03
CA ALA A 248 0.95 5.46 20.77
C ALA A 248 1.52 4.06 20.53
N LEU A 249 2.04 3.43 21.57
CA LEU A 249 2.69 2.13 21.43
C LEU A 249 1.74 1.06 20.91
N ASN A 250 0.43 1.26 21.04
CA ASN A 250 -0.54 0.30 20.54
C ASN A 250 -0.75 0.38 19.04
N LYS A 251 -0.28 1.45 18.40
CA LYS A 251 -0.39 1.62 16.95
C LYS A 251 0.98 1.82 16.33
N ILE A 252 1.97 1.03 16.78
CA ILE A 252 3.33 1.21 16.32
C ILE A 252 3.50 0.64 14.92
N SER A 253 4.52 1.14 14.22
CA SER A 253 4.77 0.75 12.84
C SER A 253 5.49 -0.59 12.78
N ASN A 254 5.45 -1.20 11.60
CA ASN A 254 6.13 -2.48 11.40
C ASN A 254 7.65 -2.31 11.43
N ARG A 255 8.15 -1.20 10.88
CA ARG A 255 9.59 -0.94 10.92
C ARG A 255 10.07 -0.76 12.35
N THR A 256 9.29 -0.05 13.17
CA THR A 256 9.67 0.10 14.58
C THR A 256 9.68 -1.24 15.29
N ALA A 257 8.70 -2.10 15.00
CA ALA A 257 8.67 -3.43 15.61
C ALA A 257 9.88 -4.25 15.20
N ALA A 258 10.24 -4.21 13.91
CA ALA A 258 11.41 -4.96 13.45
C ALA A 258 12.70 -4.44 14.08
N ILE A 259 12.84 -3.12 14.18
CA ILE A 259 14.03 -2.53 14.78
C ILE A 259 14.10 -2.90 16.26
N ILE A 260 12.96 -2.87 16.96
CA ILE A 260 12.93 -3.24 18.37
C ILE A 260 13.29 -4.71 18.54
N SER A 261 12.81 -5.56 17.64
CA SER A 261 13.17 -6.98 17.70
C SER A 261 14.67 -7.16 17.49
N CYS A 262 15.25 -6.42 16.55
CA CYS A 262 16.70 -6.50 16.33
C CYS A 262 17.46 -6.03 17.56
N LEU A 263 16.99 -4.94 18.19
CA LEU A 263 17.65 -4.44 19.40
C LEU A 263 17.56 -5.44 20.54
N LEU A 264 16.40 -6.09 20.70
CA LEU A 264 16.26 -7.08 21.76
C LEU A 264 17.13 -8.30 21.51
N TRP A 265 17.20 -8.76 20.26
CA TRP A 265 18.11 -9.85 19.93
C TRP A 265 19.55 -9.45 20.20
N GLY A 266 19.91 -8.22 19.87
CA GLY A 266 21.25 -7.75 20.20
C GLY A 266 21.50 -7.71 21.69
N ILE A 267 20.48 -7.34 22.47
CA ILE A 267 20.63 -7.30 23.92
C ILE A 267 20.89 -8.71 24.46
N THR A 268 20.10 -9.69 24.01
CA THR A 268 20.31 -11.05 24.47
C THR A 268 21.67 -11.58 24.05
N ILE A 269 22.07 -11.32 22.80
CA ILE A 269 23.37 -11.79 22.34
C ILE A 269 24.50 -11.14 23.12
N GLY A 270 24.41 -9.83 23.38
CA GLY A 270 25.42 -9.15 24.15
C GLY A 270 25.50 -9.63 25.59
N LEU A 271 24.35 -9.97 26.18
CA LEU A 271 24.36 -10.55 27.52
C LEU A 271 24.91 -11.96 27.53
N THR A 272 24.86 -12.67 26.40
CA THR A 272 25.33 -14.06 26.34
C THR A 272 26.68 -14.23 25.67
N VAL A 273 27.34 -13.13 25.26
CA VAL A 273 28.68 -13.26 24.66
C VAL A 273 29.65 -13.94 25.62
N HIS A 274 29.46 -13.76 26.93
CA HIS A 274 30.42 -14.27 27.90
C HIS A 274 30.64 -15.78 27.76
N LEU A 275 29.63 -16.50 27.28
CA LEU A 275 29.79 -17.92 27.01
C LEU A 275 30.46 -18.20 25.68
N LEU A 276 30.54 -17.20 24.80
CA LEU A 276 31.18 -17.35 23.51
C LEU A 276 32.67 -17.02 23.53
N LYS A 277 33.19 -16.54 24.66
CA LYS A 277 34.60 -16.18 24.76
C LYS A 277 35.27 -17.00 25.85
N LYS A 278 34.98 -18.28 25.90
CA LYS A 278 35.54 -19.18 26.89
C LYS A 278 36.06 -20.44 26.19
N LYS A 279 36.98 -21.13 26.86
CA LYS A 279 37.46 -22.42 26.40
C LYS A 279 36.67 -23.49 27.15
N MET A 280 35.85 -24.24 26.43
CA MET A 280 34.91 -25.11 27.13
C MET A 280 35.05 -26.58 26.71
N PRO A 281 36.27 -27.15 26.58
CA PRO A 281 36.41 -28.60 26.68
C PRO A 281 36.83 -29.04 28.08
N ILE A 282 35.95 -28.94 29.07
CA ILE A 282 36.35 -29.24 30.45
C ILE A 282 36.67 -30.73 30.54
N GLN A 283 37.97 -31.04 30.70
CA GLN A 283 38.43 -32.42 30.78
C GLN A 283 38.28 -32.93 32.21
N ASN A 284 37.17 -33.61 32.48
CA ASN A 284 36.93 -34.20 33.80
C ASN A 284 37.48 -35.63 33.79
N GLY A 285 38.80 -35.72 33.68
CA GLY A 285 39.47 -37.00 33.60
C GLY A 285 39.35 -37.63 32.22
N GLY A 286 38.15 -38.11 31.90
CA GLY A 286 37.87 -38.66 30.59
C GLY A 286 36.46 -38.35 30.13
N ALA A 287 35.83 -37.37 30.77
CA ALA A 287 34.42 -37.08 30.53
C ALA A 287 34.20 -36.03 29.44
N ASN A 288 35.09 -35.03 29.36
CA ASN A 288 34.92 -33.90 28.45
C ASN A 288 33.58 -33.21 28.70
N LEU A 289 33.44 -32.70 29.92
CA LEU A 289 32.19 -32.09 30.36
C LEU A 289 31.89 -30.83 29.55
N CYS A 290 30.63 -30.68 29.14
CA CYS A 290 30.16 -29.55 28.36
C CYS A 290 28.93 -28.94 29.03
N SER A 291 29.02 -28.73 30.34
CA SER A 291 27.94 -28.13 31.10
C SER A 291 28.19 -26.64 31.30
N SER A 292 27.12 -25.91 31.59
CA SER A 292 27.19 -24.48 31.80
C SER A 292 26.89 -24.04 33.22
N PHE A 293 26.37 -24.93 34.06
CA PHE A 293 25.90 -24.59 35.40
C PHE A 293 26.58 -25.42 36.47
N SER A 294 27.90 -25.57 36.37
CA SER A 294 28.64 -26.34 37.36
C SER A 294 28.54 -25.66 38.73
N ILE A 295 28.45 -26.49 39.77
CA ILE A 295 28.30 -25.99 41.13
C ILE A 295 29.63 -25.42 41.61
N CYS A 296 29.79 -24.11 41.52
CA CYS A 296 31.05 -23.45 41.83
C CYS A 296 30.82 -22.33 42.83
N HIS A 297 31.73 -22.20 43.79
CA HIS A 297 31.62 -21.18 44.84
C HIS A 297 32.16 -19.85 44.31
N THR A 298 31.40 -19.27 43.39
CA THR A 298 31.73 -17.97 42.81
C THR A 298 30.52 -17.38 42.12
N PHE A 299 30.15 -16.15 42.48
CA PHE A 299 29.00 -15.48 41.87
C PHE A 299 29.45 -14.83 40.57
N GLN A 300 29.22 -15.53 39.46
CA GLN A 300 29.52 -15.02 38.14
C GLN A 300 28.27 -14.38 37.54
N TRP A 301 28.44 -13.81 36.33
CA TRP A 301 27.30 -13.21 35.66
C TRP A 301 26.31 -14.28 35.18
N HIS A 302 26.76 -15.51 35.00
CA HIS A 302 25.90 -16.55 34.46
C HIS A 302 24.76 -16.93 35.41
N GLU A 303 24.95 -16.77 36.72
CA GLU A 303 23.92 -17.10 37.70
C GLU A 303 23.06 -15.90 38.07
N ALA A 304 23.66 -14.71 38.19
CA ALA A 304 22.85 -13.51 38.36
C ALA A 304 21.95 -13.28 37.16
N MET A 305 22.43 -13.61 35.97
CA MET A 305 21.61 -13.53 34.77
C MET A 305 20.44 -14.51 34.83
N PHE A 306 20.69 -15.73 35.32
CA PHE A 306 19.62 -16.71 35.50
C PHE A 306 18.55 -16.18 36.45
N LEU A 307 18.97 -15.70 37.62
CA LEU A 307 18.03 -15.22 38.63
C LEU A 307 17.26 -14.00 38.14
N LEU A 308 17.94 -13.09 37.43
CA LEU A 308 17.25 -11.94 36.87
C LEU A 308 16.25 -12.38 35.80
N GLU A 309 16.68 -13.27 34.90
CA GLU A 309 15.81 -13.82 33.87
C GLU A 309 14.52 -14.36 34.46
N PHE A 310 14.62 -15.02 35.62
CA PHE A 310 13.39 -15.44 36.28
C PHE A 310 12.64 -14.25 36.85
N PHE A 311 13.25 -13.53 37.81
CA PHE A 311 12.49 -12.66 38.70
C PHE A 311 11.98 -11.41 37.98
N LEU A 312 12.85 -10.71 37.26
CA LEU A 312 12.40 -9.44 36.67
C LEU A 312 11.33 -9.66 35.60
N PRO A 313 11.51 -10.56 34.62
CA PRO A 313 10.37 -10.91 33.76
C PRO A 313 9.20 -11.49 34.52
N LEU A 314 9.43 -12.23 35.61
CA LEU A 314 8.29 -12.71 36.40
C LEU A 314 7.51 -11.55 37.00
N GLY A 315 8.21 -10.56 37.54
CA GLY A 315 7.53 -9.40 38.09
C GLY A 315 6.76 -8.65 37.02
N ILE A 316 7.39 -8.42 35.88
CA ILE A 316 6.71 -7.67 34.81
C ILE A 316 5.50 -8.45 34.30
N ILE A 317 5.66 -9.77 34.11
CA ILE A 317 4.57 -10.59 33.59
C ILE A 317 3.42 -10.64 34.58
N LEU A 318 3.71 -10.84 35.87
CA LEU A 318 2.66 -10.87 36.87
C LEU A 318 1.94 -9.54 36.96
N PHE A 319 2.68 -8.43 36.94
CA PHE A 319 2.06 -7.11 36.98
C PHE A 319 1.17 -6.90 35.77
N CYS A 320 1.67 -7.23 34.58
CA CYS A 320 0.88 -7.04 33.37
C CYS A 320 -0.36 -7.91 33.36
N SER A 321 -0.24 -9.17 33.75
CA SER A 321 -1.39 -10.05 33.78
C SER A 321 -2.43 -9.60 34.80
N ALA A 322 -1.97 -9.21 35.99
CA ALA A 322 -2.91 -8.75 37.01
C ALA A 322 -3.63 -7.48 36.57
N ARG A 323 -2.90 -6.54 35.96
CA ARG A 323 -3.54 -5.31 35.52
C ARG A 323 -4.48 -5.56 34.35
N ILE A 324 -4.12 -6.46 33.43
CA ILE A 324 -4.99 -6.81 32.32
C ILE A 324 -6.29 -7.39 32.84
N ILE A 325 -6.20 -8.35 33.75
CA ILE A 325 -7.40 -9.00 34.28
C ILE A 325 -8.23 -8.00 35.07
N TRP A 326 -7.58 -7.16 35.87
CA TRP A 326 -8.32 -6.16 36.65
C TRP A 326 -9.05 -5.18 35.74
N SER A 327 -8.39 -4.71 34.67
CA SER A 327 -9.03 -3.78 33.77
C SER A 327 -10.18 -4.43 33.00
N LEU A 328 -9.99 -5.68 32.56
CA LEU A 328 -11.05 -6.36 31.84
C LEU A 328 -12.26 -6.60 32.73
N ARG A 329 -12.04 -7.03 33.97
CA ARG A 329 -13.17 -7.29 34.87
C ARG A 329 -13.83 -5.99 35.31
N GLN A 330 -13.04 -4.96 35.60
CA GLN A 330 -13.60 -3.70 36.09
C GLN A 330 -14.44 -3.01 35.04
N ARG A 331 -14.15 -3.23 33.76
CA ARG A 331 -14.97 -2.73 32.67
C ARG A 331 -16.13 -3.66 32.34
N GLN A 332 -16.28 -4.76 33.07
CA GLN A 332 -17.36 -5.72 32.88
C GLN A 332 -17.35 -6.32 31.48
N MET A 333 -16.18 -6.40 30.87
CA MET A 333 -16.02 -7.04 29.56
C MET A 333 -15.72 -8.52 29.65
N ASP A 334 -15.65 -9.07 30.87
CA ASP A 334 -15.34 -10.49 31.04
C ASP A 334 -16.50 -11.40 30.63
N ARG A 335 -17.71 -10.86 30.52
CA ARG A 335 -18.90 -11.67 30.28
C ARG A 335 -18.95 -12.26 28.88
N HIS A 336 -18.07 -11.84 27.97
CA HIS A 336 -18.05 -12.42 26.64
C HIS A 336 -17.47 -13.83 26.69
N ALA A 337 -17.62 -14.57 25.60
CA ALA A 337 -17.08 -15.91 25.49
C ALA A 337 -15.64 -15.93 24.99
N LYS A 338 -15.29 -15.03 24.08
CA LYS A 338 -13.89 -14.94 23.63
C LYS A 338 -13.01 -14.23 24.66
N ILE A 339 -13.55 -13.24 25.38
CA ILE A 339 -12.76 -12.54 26.38
C ILE A 339 -12.46 -13.46 27.56
N LYS A 340 -13.42 -14.30 27.95
CA LYS A 340 -13.16 -15.27 28.99
C LYS A 340 -12.05 -16.23 28.58
N ARG A 341 -12.06 -16.68 27.33
CA ARG A 341 -11.00 -17.55 26.84
C ARG A 341 -9.66 -16.82 26.82
N ALA A 342 -9.66 -15.54 26.45
CA ALA A 342 -8.42 -14.76 26.45
C ALA A 342 -7.85 -14.64 27.86
N ILE A 343 -8.71 -14.34 28.85
CA ILE A 343 -8.25 -14.25 30.22
C ILE A 343 -7.73 -15.60 30.70
N THR A 344 -8.45 -16.68 30.38
CA THR A 344 -7.99 -18.01 30.74
C THR A 344 -6.62 -18.30 30.16
N PHE A 345 -6.39 -17.92 28.90
CA PHE A 345 -5.13 -18.27 28.28
C PHE A 345 -3.98 -17.38 28.73
N ILE A 346 -4.24 -16.12 29.12
CA ILE A 346 -3.16 -15.35 29.72
C ILE A 346 -2.81 -15.92 31.10
N MET A 347 -3.83 -16.37 31.85
CA MET A 347 -3.55 -17.10 33.08
C MET A 347 -2.71 -18.33 32.79
N VAL A 348 -3.02 -19.03 31.70
CA VAL A 348 -2.31 -20.26 31.35
C VAL A 348 -0.86 -19.97 31.00
N VAL A 349 -0.60 -18.90 30.25
CA VAL A 349 0.78 -18.59 29.88
C VAL A 349 1.57 -18.17 31.11
N ALA A 350 0.95 -17.42 32.02
CA ALA A 350 1.63 -17.09 33.27
C ALA A 350 1.95 -18.35 34.07
N ILE A 351 0.99 -19.26 34.16
CA ILE A 351 1.19 -20.50 34.91
C ILE A 351 2.29 -21.34 34.28
N VAL A 352 2.33 -21.40 32.95
CA VAL A 352 3.35 -22.17 32.27
C VAL A 352 4.73 -21.58 32.52
N PHE A 353 4.84 -20.25 32.44
CA PHE A 353 6.12 -19.60 32.74
C PHE A 353 6.57 -19.94 34.15
N VAL A 354 5.67 -19.80 35.13
CA VAL A 354 6.04 -20.07 36.53
C VAL A 354 6.45 -21.54 36.70
N ILE A 355 5.65 -22.45 36.16
CA ILE A 355 5.90 -23.88 36.35
C ILE A 355 7.22 -24.28 35.72
N CYS A 356 7.54 -23.73 34.54
CA CYS A 356 8.76 -24.12 33.86
C CYS A 356 10.00 -23.47 34.47
N PHE A 357 9.91 -22.25 34.99
CA PHE A 357 11.11 -21.54 35.40
C PHE A 357 11.31 -21.46 36.91
N LEU A 358 10.35 -21.89 37.72
CA LEU A 358 10.50 -21.81 39.18
C LEU A 358 11.33 -22.94 39.78
N PRO A 359 11.16 -24.21 39.37
CA PRO A 359 11.94 -25.28 40.02
C PRO A 359 13.45 -25.09 39.90
N SER A 360 13.95 -24.78 38.70
CA SER A 360 15.39 -24.61 38.53
C SER A 360 15.90 -23.44 39.37
N VAL A 361 15.11 -22.36 39.45
CA VAL A 361 15.53 -21.19 40.21
C VAL A 361 15.56 -21.48 41.70
N VAL A 362 14.55 -22.19 42.20
CA VAL A 362 14.55 -22.49 43.64
C VAL A 362 15.68 -23.47 43.98
N VAL A 363 15.99 -24.40 43.07
CA VAL A 363 17.13 -25.27 43.32
C VAL A 363 18.44 -24.49 43.29
N ARG A 364 18.54 -23.50 42.40
CA ARG A 364 19.72 -22.64 42.39
C ARG A 364 19.86 -21.85 43.69
N ILE A 365 18.73 -21.35 44.21
CA ILE A 365 18.75 -20.62 45.47
C ILE A 365 19.17 -21.54 46.61
N ARG A 366 18.69 -22.79 46.59
CA ARG A 366 19.11 -23.77 47.58
C ARG A 366 20.61 -24.03 47.48
N ILE A 367 21.13 -24.09 46.25
CA ILE A 367 22.57 -24.29 46.04
C ILE A 367 23.36 -23.13 46.62
N PHE A 368 22.87 -21.90 46.38
CA PHE A 368 23.55 -20.72 46.93
C PHE A 368 23.55 -20.76 48.46
N TRP A 369 22.41 -21.13 49.05
CA TRP A 369 22.35 -21.21 50.51
C TRP A 369 23.31 -22.27 51.04
N LEU A 370 23.38 -23.42 50.37
CA LEU A 370 24.29 -24.48 50.79
C LEU A 370 25.74 -24.05 50.66
N LEU A 371 26.08 -23.33 49.59
CA LEU A 371 27.44 -22.82 49.43
C LEU A 371 27.78 -21.81 50.52
N HIS A 372 26.84 -20.94 50.85
CA HIS A 372 27.10 -19.91 51.86
C HIS A 372 27.13 -20.50 53.27
N THR A 373 26.51 -21.65 53.49
CA THR A 373 26.55 -22.28 54.81
C THR A 373 27.68 -23.30 54.93
N SER A 374 27.66 -24.32 54.09
CA SER A 374 28.63 -25.41 54.19
C SER A 374 29.86 -25.14 53.32
N GLY A 375 29.66 -24.87 52.04
CA GLY A 375 30.76 -24.63 51.14
C GLY A 375 31.21 -25.88 50.42
N THR A 376 32.28 -25.71 49.64
CA THR A 376 32.81 -26.79 48.81
C THR A 376 33.58 -27.82 49.64
N GLN A 377 33.85 -27.54 50.91
CA GLN A 377 34.68 -28.44 51.71
C GLN A 377 34.11 -29.85 51.78
N ASN A 378 32.79 -30.00 51.60
CA ASN A 378 32.15 -31.31 51.53
C ASN A 378 31.18 -31.29 50.36
N CYS A 379 31.62 -31.85 49.22
CA CYS A 379 30.82 -31.80 47.99
C CYS A 379 29.75 -32.87 47.92
N GLU A 380 29.81 -33.90 48.77
CA GLU A 380 28.84 -34.98 48.70
C GLU A 380 27.43 -34.53 49.05
N VAL A 381 27.29 -33.41 49.76
CA VAL A 381 25.96 -32.89 50.09
C VAL A 381 25.29 -32.22 48.90
N TYR A 382 26.00 -32.08 47.78
CA TYR A 382 25.47 -31.44 46.59
C TYR A 382 24.93 -32.41 45.54
N ARG A 383 25.03 -33.72 45.79
CA ARG A 383 24.65 -34.69 44.77
C ARG A 383 23.16 -34.61 44.45
N SER A 384 22.31 -34.65 45.48
CA SER A 384 20.88 -34.60 45.27
C SER A 384 20.46 -33.27 44.65
N VAL A 385 21.04 -32.17 45.11
CA VAL A 385 20.66 -30.86 44.59
C VAL A 385 21.10 -30.71 43.14
N ASP A 386 22.25 -31.28 42.78
CA ASP A 386 22.71 -31.22 41.39
C ASP A 386 21.81 -32.05 40.48
N LEU A 387 21.47 -33.27 40.91
CA LEU A 387 20.56 -34.09 40.11
C LEU A 387 19.21 -33.41 39.94
N ALA A 388 18.69 -32.84 41.02
CA ALA A 388 17.41 -32.14 40.93
C ALA A 388 17.50 -30.94 40.00
N PHE A 389 18.60 -30.18 40.06
CA PHE A 389 18.73 -29.02 39.19
C PHE A 389 18.74 -29.43 37.74
N PHE A 390 19.52 -30.46 37.40
CA PHE A 390 19.61 -30.88 36.01
C PHE A 390 18.40 -31.68 35.55
N ILE A 391 17.53 -32.11 36.47
CA ILE A 391 16.25 -32.68 36.08
C ILE A 391 15.23 -31.59 35.80
N THR A 392 15.08 -30.64 36.71
CA THR A 392 14.12 -29.55 36.53
C THR A 392 14.56 -28.52 35.49
N LEU A 393 15.82 -28.54 35.05
CA LEU A 393 16.21 -27.67 33.94
C LEU A 393 15.53 -28.07 32.63
N SER A 394 15.00 -29.29 32.55
CA SER A 394 14.35 -29.74 31.33
C SER A 394 12.98 -29.08 31.14
N PHE A 395 12.35 -28.64 32.23
CA PHE A 395 11.10 -27.91 32.09
C PHE A 395 11.28 -26.60 31.35
N THR A 396 12.50 -26.03 31.39
CA THR A 396 12.77 -24.83 30.62
C THR A 396 12.59 -25.08 29.13
N TYR A 397 13.07 -26.22 28.64
CA TYR A 397 12.88 -26.56 27.23
C TYR A 397 11.47 -27.06 26.96
N MET A 398 10.85 -27.72 27.93
CA MET A 398 9.44 -28.06 27.81
C MET A 398 8.58 -26.84 27.61
N ASN A 399 8.99 -25.70 28.20
CA ASN A 399 8.32 -24.44 27.90
C ASN A 399 8.44 -24.09 26.42
N SER A 400 9.61 -24.30 25.83
CA SER A 400 9.78 -24.03 24.41
C SER A 400 8.95 -24.98 23.56
N MET A 401 8.72 -26.20 24.03
CA MET A 401 7.93 -27.15 23.24
C MET A 401 6.43 -27.01 23.50
N LEU A 402 6.02 -26.44 24.64
CA LEU A 402 4.63 -26.04 24.86
C LEU A 402 4.24 -24.77 24.12
N ASP A 403 5.21 -23.98 23.67
CA ASP A 403 4.96 -22.64 23.16
C ASP A 403 4.04 -22.62 21.94
N PRO A 404 4.24 -23.47 20.93
CA PRO A 404 3.30 -23.44 19.78
C PRO A 404 1.85 -23.67 20.17
N VAL A 405 1.60 -24.57 21.11
CA VAL A 405 0.22 -24.89 21.48
C VAL A 405 -0.41 -23.73 22.24
N VAL A 406 0.35 -23.08 23.11
CA VAL A 406 -0.22 -22.08 24.00
C VAL A 406 -0.22 -20.67 23.41
N TYR A 407 0.62 -20.39 22.42
CA TYR A 407 0.72 -19.04 21.89
C TYR A 407 0.22 -18.88 20.46
N TYR A 408 0.34 -19.92 19.63
CA TYR A 408 -0.01 -19.81 18.21
C TYR A 408 -1.26 -20.59 17.85
N PHE A 409 -1.34 -21.87 18.21
CA PHE A 409 -2.46 -22.70 17.81
C PHE A 409 -3.75 -22.35 18.53
N SER A 410 -3.72 -21.47 19.52
CA SER A 410 -4.91 -21.09 20.27
C SER A 410 -5.40 -19.69 19.91
N SER A 411 -4.90 -19.11 18.83
CA SER A 411 -5.33 -17.77 18.44
C SER A 411 -6.75 -17.83 17.89
N PRO A 412 -7.68 -17.05 18.43
CA PRO A 412 -9.07 -17.03 17.96
C PRO A 412 -9.72 -15.65 18.06
N LEU B 5 20.25 2.00 -12.02
CA LEU B 5 19.49 3.13 -11.51
C LEU B 5 20.18 4.44 -11.89
N SER B 6 19.43 5.32 -12.55
CA SER B 6 19.97 6.57 -13.05
C SER B 6 19.69 7.71 -12.07
N ALA B 7 20.28 8.87 -12.36
CA ALA B 7 20.12 10.03 -11.48
C ALA B 7 18.68 10.49 -11.41
N GLU B 8 17.98 10.52 -12.56
CA GLU B 8 16.58 10.91 -12.56
C GLU B 8 15.74 9.92 -11.78
N ASP B 9 16.02 8.63 -11.90
CA ASP B 9 15.30 7.62 -11.13
C ASP B 9 15.61 7.76 -9.64
N LYS B 10 16.86 8.08 -9.29
CA LYS B 10 17.19 8.31 -7.89
C LYS B 10 16.41 9.49 -7.32
N ALA B 11 16.30 10.58 -8.08
CA ALA B 11 15.54 11.73 -7.61
C ALA B 11 14.06 11.41 -7.52
N ALA B 12 13.55 10.58 -8.44
CA ALA B 12 12.16 10.14 -8.34
C ALA B 12 11.93 9.30 -7.09
N VAL B 13 12.90 8.43 -6.75
CA VAL B 13 12.81 7.65 -5.52
C VAL B 13 12.82 8.58 -4.30
N GLU B 14 13.64 9.63 -4.34
CA GLU B 14 13.67 10.59 -3.25
C GLU B 14 12.33 11.31 -3.11
N ARG B 15 11.71 11.67 -4.23
CA ARG B 15 10.38 12.26 -4.19
C ARG B 15 9.37 11.29 -3.58
N SER B 16 9.44 10.02 -3.97
CA SER B 16 8.53 9.03 -3.42
C SER B 16 8.72 8.90 -1.91
N LYS B 17 9.98 8.97 -1.45
CA LYS B 17 10.25 8.90 -0.01
C LYS B 17 9.72 10.12 0.73
N MET B 18 9.83 11.31 0.13
CA MET B 18 9.24 12.49 0.76
C MET B 18 7.72 12.39 0.84
N ILE B 19 7.09 11.88 -0.22
CA ILE B 19 5.65 11.64 -0.19
C ILE B 19 5.31 10.63 0.89
N ASP B 20 6.13 9.57 1.02
CA ASP B 20 5.93 8.58 2.05
C ASP B 20 5.97 9.20 3.44
N ARG B 21 6.94 10.09 3.68
CA ARG B 21 7.05 10.67 5.02
C ARG B 21 5.89 11.63 5.30
N ASN B 22 5.42 12.35 4.27
CA ASN B 22 4.23 13.20 4.46
C ASN B 22 3.01 12.35 4.78
N LEU B 23 2.86 11.22 4.08
CA LEU B 23 1.77 10.30 4.39
C LEU B 23 1.88 9.76 5.81
N ARG B 24 3.11 9.48 6.25
CA ARG B 24 3.31 9.03 7.63
C ARG B 24 2.87 10.08 8.63
N GLU B 25 3.24 11.35 8.39
CA GLU B 25 2.80 12.41 9.31
C GLU B 25 1.30 12.52 9.34
N ASP B 26 0.64 12.49 8.17
CA ASP B 26 -0.81 12.59 8.14
C ASP B 26 -1.47 11.40 8.83
N GLY B 27 -0.93 10.20 8.64
CA GLY B 27 -1.49 9.03 9.29
C GLY B 27 -1.30 9.05 10.79
N GLU B 28 -0.16 9.54 11.26
CA GLU B 28 0.04 9.69 12.70
C GLU B 28 -0.93 10.72 13.27
N LYS B 29 -1.18 11.80 12.53
CA LYS B 29 -2.16 12.78 12.98
C LYS B 29 -3.56 12.18 13.06
N ALA B 30 -3.92 11.34 12.09
CA ALA B 30 -5.26 10.77 12.03
C ALA B 30 -5.42 9.50 12.84
N ALA B 31 -4.34 8.95 13.39
CA ALA B 31 -4.45 7.74 14.20
C ALA B 31 -5.02 8.02 15.58
N ARG B 32 -5.01 9.27 16.03
CA ARG B 32 -5.55 9.64 17.33
C ARG B 32 -7.02 10.07 17.26
N GLU B 33 -7.65 9.91 16.10
CA GLU B 33 -9.05 10.28 15.90
C GLU B 33 -9.90 9.02 15.73
N VAL B 34 -11.18 9.14 16.10
CA VAL B 34 -12.14 8.06 15.99
C VAL B 34 -13.31 8.52 15.13
N LYS B 35 -13.80 7.63 14.28
CA LYS B 35 -14.94 7.91 13.42
C LYS B 35 -16.18 7.20 13.96
N LEU B 36 -17.24 7.97 14.19
CA LEU B 36 -18.51 7.44 14.68
C LEU B 36 -19.61 7.76 13.68
N LEU B 37 -20.42 6.75 13.37
CA LEU B 37 -21.52 6.89 12.43
C LEU B 37 -22.82 7.08 13.21
N LEU B 38 -23.49 8.20 12.99
CA LEU B 38 -24.68 8.57 13.75
C LEU B 38 -25.93 8.34 12.89
N LEU B 39 -26.87 7.58 13.43
CA LEU B 39 -28.13 7.29 12.77
C LEU B 39 -29.28 7.94 13.53
N GLY B 40 -30.41 8.07 12.84
CA GLY B 40 -31.60 8.62 13.47
C GLY B 40 -32.71 8.74 12.44
N ALA B 41 -33.87 9.17 12.92
CA ALA B 41 -35.04 9.36 12.07
C ALA B 41 -35.11 10.75 11.46
N GLY B 42 -34.22 11.66 11.85
CA GLY B 42 -34.23 13.02 11.37
C GLY B 42 -35.13 13.96 12.14
N GLU B 43 -36.22 13.43 12.72
CA GLU B 43 -37.16 14.23 13.50
C GLU B 43 -37.57 13.49 14.76
N SER B 44 -36.60 12.86 15.43
CA SER B 44 -36.85 12.06 16.63
C SER B 44 -36.08 12.59 17.82
N GLY B 45 -35.82 13.89 17.85
CA GLY B 45 -35.07 14.49 18.94
C GLY B 45 -33.57 14.31 18.87
N LYS B 46 -33.04 13.88 17.73
CA LYS B 46 -31.60 13.67 17.61
C LYS B 46 -30.84 14.99 17.73
N SER B 47 -31.42 16.07 17.20
CA SER B 47 -30.73 17.36 17.20
C SER B 47 -30.44 17.84 18.62
N THR B 48 -31.26 17.45 19.59
CA THR B 48 -31.00 17.83 20.98
C THR B 48 -29.66 17.30 21.46
N ILE B 49 -29.43 15.99 21.30
CA ILE B 49 -28.15 15.40 21.70
C ILE B 49 -27.03 15.90 20.80
N VAL B 50 -27.32 16.09 19.51
CA VAL B 50 -26.31 16.58 18.57
C VAL B 50 -25.76 17.92 19.06
N LYS B 51 -26.64 18.82 19.50
CA LYS B 51 -26.18 20.06 20.10
C LYS B 51 -25.72 19.87 21.54
N GLN B 52 -26.06 18.75 22.19
CA GLN B 52 -25.61 18.52 23.56
C GLN B 52 -24.10 18.33 23.61
N MET B 53 -23.55 17.45 22.78
CA MET B 53 -22.08 17.48 22.65
C MET B 53 -21.58 18.14 21.37
N LYS B 54 -22.37 19.01 20.73
CA LYS B 54 -21.79 19.92 19.75
C LYS B 54 -20.90 20.96 20.45
N ILE B 55 -21.34 21.47 21.59
CA ILE B 55 -20.58 22.45 22.35
C ILE B 55 -19.70 21.75 23.38
N THR B 182 -25.37 18.69 -1.09
CA THR B 182 -25.91 17.80 -0.06
C THR B 182 -24.97 16.62 0.18
N GLY B 183 -25.26 15.85 1.22
CA GLY B 183 -24.41 14.73 1.59
C GLY B 183 -24.56 14.34 3.05
N ILE B 184 -23.43 14.20 3.75
CA ILE B 184 -23.41 13.83 5.15
C ILE B 184 -22.71 14.92 5.95
N VAL B 185 -23.27 15.24 7.12
CA VAL B 185 -22.76 16.30 7.98
C VAL B 185 -21.66 15.74 8.86
N GLU B 186 -20.59 16.50 9.04
CA GLU B 186 -19.47 16.12 9.88
C GLU B 186 -19.43 16.98 11.13
N THR B 187 -19.11 16.37 12.27
CA THR B 187 -19.00 17.07 13.53
C THR B 187 -17.70 16.68 14.22
N HIS B 188 -17.12 17.63 14.94
CA HIS B 188 -15.85 17.43 15.62
C HIS B 188 -16.00 17.84 17.08
N PHE B 189 -15.56 16.96 17.99
CA PHE B 189 -15.52 17.31 19.41
C PHE B 189 -14.55 16.38 20.11
N THR B 190 -13.80 16.95 21.05
CA THR B 190 -12.72 16.27 21.76
C THR B 190 -13.03 16.22 23.25
N PHE B 191 -12.74 15.10 23.89
CA PHE B 191 -12.96 14.94 25.32
C PHE B 191 -11.66 14.80 26.11
N LYS B 192 -10.86 13.77 25.81
CA LYS B 192 -9.60 13.53 26.51
C LYS B 192 -8.61 12.98 25.49
N ASP B 193 -7.85 13.88 24.85
CA ASP B 193 -6.78 13.53 23.92
C ASP B 193 -7.26 12.60 22.80
N LEU B 194 -8.57 12.57 22.54
CA LEU B 194 -9.14 11.66 21.56
C LEU B 194 -10.17 12.41 20.73
N HIS B 195 -10.01 12.37 19.41
CA HIS B 195 -10.84 13.12 18.48
C HIS B 195 -11.98 12.25 17.98
N PHE B 196 -13.20 12.77 18.02
CA PHE B 196 -14.39 12.07 17.55
C PHE B 196 -14.93 12.77 16.32
N LYS B 197 -15.29 12.00 15.30
CA LYS B 197 -15.97 12.51 14.12
C LYS B 197 -17.38 11.92 14.07
N MET B 198 -18.37 12.80 13.98
CA MET B 198 -19.77 12.38 13.91
C MET B 198 -20.28 12.59 12.50
N PHE B 199 -20.89 11.54 11.93
CA PHE B 199 -21.38 11.57 10.56
C PHE B 199 -22.90 11.39 10.59
N ASP B 200 -23.62 12.48 10.74
CA ASP B 200 -25.08 12.44 10.76
C ASP B 200 -25.59 12.08 9.37
N VAL B 201 -26.29 10.96 9.26
CA VAL B 201 -26.80 10.47 7.99
C VAL B 201 -28.33 10.39 8.00
N GLY B 202 -28.99 10.91 9.03
CA GLY B 202 -30.43 10.91 9.06
C GLY B 202 -31.08 11.80 8.02
N GLY B 203 -30.35 12.81 7.54
CA GLY B 203 -30.91 13.67 6.51
C GLY B 203 -31.11 12.97 5.19
N GLN B 204 -30.19 12.09 4.81
CA GLN B 204 -30.27 11.40 3.54
C GLN B 204 -31.46 10.45 3.52
N ARG B 205 -32.21 10.49 2.41
CA ARG B 205 -33.34 9.59 2.19
C ARG B 205 -32.94 8.34 1.43
N SER B 206 -31.68 8.22 1.01
CA SER B 206 -31.22 7.08 0.23
C SER B 206 -31.31 5.78 1.01
N GLU B 207 -31.06 4.65 0.34
CA GLU B 207 -31.23 3.36 0.96
C GLU B 207 -30.25 3.17 2.12
N ARG B 208 -30.72 2.48 3.17
CA ARG B 208 -29.91 2.30 4.37
C ARG B 208 -28.67 1.45 4.09
N LYS B 209 -28.79 0.45 3.22
CA LYS B 209 -27.71 -0.49 3.00
C LYS B 209 -26.65 0.03 2.04
N LYS B 210 -26.92 1.11 1.32
CA LYS B 210 -26.01 1.56 0.26
C LYS B 210 -24.84 2.38 0.78
N TRP B 211 -24.83 2.78 2.04
CA TRP B 211 -23.66 3.39 2.64
C TRP B 211 -22.95 2.46 3.60
N ILE B 212 -23.51 1.27 3.85
CA ILE B 212 -22.91 0.35 4.81
C ILE B 212 -21.55 -0.13 4.32
N HIS B 213 -21.42 -0.42 3.02
CA HIS B 213 -20.13 -0.83 2.50
C HIS B 213 -19.11 0.31 2.60
N CYS B 214 -19.58 1.55 2.57
CA CYS B 214 -18.69 2.70 2.77
C CYS B 214 -18.39 2.92 4.25
N PHE B 215 -19.36 2.64 5.12
CA PHE B 215 -19.23 2.84 6.56
C PHE B 215 -18.92 1.54 7.30
N GLU B 216 -18.40 0.54 6.60
CA GLU B 216 -18.16 -0.76 7.21
C GLU B 216 -17.06 -0.72 8.27
N GLY B 217 -16.20 0.29 8.25
CA GLY B 217 -15.06 0.36 9.13
C GLY B 217 -15.19 1.24 10.36
N VAL B 218 -16.33 1.91 10.55
CA VAL B 218 -16.49 2.79 11.70
C VAL B 218 -16.49 1.96 12.98
N THR B 219 -15.91 2.52 14.04
CA THR B 219 -15.76 1.77 15.29
C THR B 219 -17.10 1.48 15.94
N ALA B 220 -18.02 2.44 15.91
CA ALA B 220 -19.29 2.28 16.60
C ALA B 220 -20.36 3.10 15.88
N ILE B 221 -21.62 2.77 16.18
CA ILE B 221 -22.78 3.46 15.61
C ILE B 221 -23.60 4.00 16.77
N ILE B 222 -23.93 5.28 16.72
CA ILE B 222 -24.69 5.94 17.77
C ILE B 222 -26.13 6.10 17.29
N PHE B 223 -27.08 5.74 18.16
CA PHE B 223 -28.50 5.76 17.83
C PHE B 223 -29.23 6.59 18.88
N CYS B 224 -30.06 7.52 18.44
CA CYS B 224 -30.84 8.37 19.33
C CYS B 224 -32.31 8.04 19.17
N VAL B 225 -32.98 7.71 20.28
CA VAL B 225 -34.39 7.34 20.30
C VAL B 225 -35.10 8.24 21.30
N ALA B 226 -36.22 8.82 20.88
CA ALA B 226 -37.02 9.69 21.73
C ALA B 226 -37.77 8.87 22.78
N PHE B 259 -22.11 -5.88 9.54
CA PHE B 259 -21.90 -5.38 10.89
C PHE B 259 -21.84 -6.51 11.91
N THR B 260 -21.18 -7.61 11.55
CA THR B 260 -21.06 -8.75 12.45
C THR B 260 -20.18 -8.45 13.66
N ASP B 261 -19.33 -7.42 13.57
CA ASP B 261 -18.46 -7.06 14.70
C ASP B 261 -18.38 -5.55 14.89
N THR B 262 -19.45 -4.82 14.58
CA THR B 262 -19.51 -3.38 14.77
C THR B 262 -20.47 -3.09 15.93
N SER B 263 -19.96 -2.42 16.97
CA SER B 263 -20.74 -2.16 18.15
C SER B 263 -21.77 -1.06 17.92
N ILE B 264 -22.81 -1.06 18.74
CA ILE B 264 -23.89 -0.08 18.67
C ILE B 264 -23.97 0.63 20.01
N ILE B 265 -23.98 1.96 19.98
CA ILE B 265 -24.22 2.78 21.16
C ILE B 265 -25.62 3.36 21.06
N LEU B 266 -26.40 3.23 22.12
CA LEU B 266 -27.79 3.66 22.13
C LEU B 266 -27.99 4.76 23.16
N PHE B 267 -28.77 5.77 22.79
CA PHE B 267 -29.12 6.87 23.67
C PHE B 267 -30.63 7.02 23.72
N LEU B 268 -31.15 7.34 24.90
CA LEU B 268 -32.58 7.59 25.09
C LEU B 268 -32.78 9.09 25.26
N ASN B 269 -33.43 9.71 24.28
CA ASN B 269 -33.64 11.15 24.32
C ASN B 269 -34.49 11.55 25.52
N LYS B 270 -35.57 10.82 25.77
CA LYS B 270 -36.50 11.15 26.85
C LYS B 270 -36.52 10.06 27.92
N GLU B 318 -22.11 -6.04 20.99
CA GLU B 318 -22.56 -5.49 22.26
C GLU B 318 -23.29 -4.17 22.04
N ILE B 319 -24.40 -3.98 22.75
CA ILE B 319 -25.21 -2.76 22.65
C ILE B 319 -25.12 -2.03 23.98
N TYR B 320 -24.74 -0.76 23.92
CA TYR B 320 -24.58 0.08 25.11
C TYR B 320 -25.72 1.08 25.16
N THR B 321 -26.38 1.16 26.31
CA THR B 321 -27.56 2.01 26.50
C THR B 321 -27.29 3.03 27.60
N HIS B 322 -27.84 4.22 27.45
CA HIS B 322 -27.68 5.29 28.42
C HIS B 322 -28.81 6.28 28.29
N PHE B 323 -29.58 6.46 29.36
CA PHE B 323 -30.63 7.47 29.37
C PHE B 323 -30.01 8.86 29.50
N THR B 324 -30.45 9.79 28.67
CA THR B 324 -29.86 11.12 28.63
C THR B 324 -30.03 11.82 29.97
N CYS B 325 -28.94 12.39 30.47
CA CYS B 325 -28.94 13.14 31.72
C CYS B 325 -29.03 14.64 31.43
N ALA B 326 -29.18 15.42 32.50
CA ALA B 326 -29.27 16.87 32.36
C ALA B 326 -27.99 17.46 31.78
N THR B 327 -26.84 16.97 32.24
CA THR B 327 -25.55 17.48 31.80
C THR B 327 -24.98 16.58 30.70
N ASP B 328 -24.45 17.22 29.66
CA ASP B 328 -23.85 16.49 28.55
C ASP B 328 -22.57 15.78 28.95
N THR B 329 -21.99 16.12 30.10
CA THR B 329 -20.74 15.50 30.53
C THR B 329 -20.90 14.00 30.71
N LYS B 330 -22.01 13.58 31.32
CA LYS B 330 -22.25 12.15 31.51
C LYS B 330 -22.40 11.42 30.17
N ASN B 331 -23.11 12.04 29.22
CA ASN B 331 -23.27 11.42 27.91
C ASN B 331 -21.92 11.28 27.20
N VAL B 332 -21.09 12.33 27.25
CA VAL B 332 -19.78 12.26 26.62
C VAL B 332 -18.91 11.20 27.30
N GLN B 333 -18.98 11.11 28.62
CA GLN B 333 -18.23 10.08 29.33
C GLN B 333 -18.70 8.68 28.93
N PHE B 334 -20.01 8.49 28.78
CA PHE B 334 -20.54 7.19 28.40
C PHE B 334 -20.07 6.80 27.00
N VAL B 335 -20.15 7.73 26.05
CA VAL B 335 -19.73 7.40 24.70
C VAL B 335 -18.22 7.17 24.66
N PHE B 336 -17.46 7.92 25.45
CA PHE B 336 -16.02 7.69 25.52
C PHE B 336 -15.72 6.30 26.05
N ASP B 337 -16.44 5.86 27.09
CA ASP B 337 -16.25 4.52 27.63
C ASP B 337 -16.59 3.46 26.59
N ALA B 338 -17.67 3.67 25.83
CA ALA B 338 -18.04 2.71 24.80
C ALA B 338 -16.96 2.59 23.74
N VAL B 339 -16.42 3.72 23.29
CA VAL B 339 -15.34 3.66 22.30
C VAL B 339 -14.09 3.03 22.89
N THR B 340 -13.81 3.31 24.18
CA THR B 340 -12.67 2.64 24.84
C THR B 340 -12.89 1.15 24.70
N ASP B 341 -14.02 0.59 25.11
CA ASP B 341 -14.18 -0.89 25.05
C ASP B 341 -14.00 -1.45 23.63
N VAL B 342 -14.53 -0.81 22.61
CA VAL B 342 -14.46 -1.37 21.25
C VAL B 342 -13.00 -1.29 20.78
N ILE B 343 -12.29 -0.22 21.15
CA ILE B 343 -10.84 -0.07 20.82
C ILE B 343 -10.06 -1.14 21.58
N ILE B 344 -10.34 -1.39 22.85
CA ILE B 344 -9.71 -2.48 23.63
C ILE B 344 -9.85 -3.73 22.81
N LYS B 345 -11.07 -4.03 22.35
CA LYS B 345 -11.25 -5.35 21.70
C LYS B 345 -10.61 -5.39 20.31
N ASN B 346 -10.57 -4.30 19.59
CA ASN B 346 -9.85 -4.34 18.28
C ASN B 346 -8.37 -4.56 18.58
N ASN B 347 -7.83 -3.89 19.59
CA ASN B 347 -6.41 -4.05 20.01
C ASN B 347 -6.17 -5.54 20.32
N LEU B 348 -7.07 -6.17 21.07
CA LEU B 348 -6.93 -7.62 21.41
C LEU B 348 -6.89 -8.40 20.11
N LYS B 349 -7.89 -8.25 19.27
CA LYS B 349 -7.81 -8.96 17.97
C LYS B 349 -6.46 -8.64 17.34
N ASP B 350 -6.12 -7.35 17.24
CA ASP B 350 -4.86 -7.03 16.58
C ASP B 350 -3.71 -7.87 17.12
N CYS B 351 -3.80 -8.24 18.39
CA CYS B 351 -2.72 -8.99 19.09
C CYS B 351 -2.76 -10.47 18.70
N GLY B 352 -3.89 -11.12 18.91
CA GLY B 352 -4.03 -12.55 18.60
C GLY B 352 -4.78 -13.25 19.72
N LEU B 353 -4.88 -12.62 20.90
CA LEU B 353 -5.53 -13.29 22.06
C LEU B 353 -6.97 -13.60 21.67
N PHE B 354 -7.87 -12.65 21.84
CA PHE B 354 -9.29 -12.82 21.44
C PHE B 354 -9.33 -13.03 19.92
N SER C 7 -58.77 2.49 -17.12
CA SER C 7 -58.93 2.48 -18.57
C SER C 7 -57.65 2.93 -19.26
N GLU C 8 -56.82 3.67 -18.54
CA GLU C 8 -55.55 4.18 -19.06
C GLU C 8 -54.34 3.52 -18.44
N LEU C 9 -54.25 3.51 -17.10
CA LEU C 9 -53.12 2.87 -16.44
C LEU C 9 -53.11 1.37 -16.70
N ASP C 10 -54.28 0.72 -16.63
CA ASP C 10 -54.36 -0.71 -16.90
C ASP C 10 -53.97 -1.03 -18.34
N GLN C 11 -54.45 -0.23 -19.29
CA GLN C 11 -54.11 -0.45 -20.69
C GLN C 11 -52.62 -0.28 -20.94
N LEU C 12 -52.02 0.75 -20.35
CA LEU C 12 -50.58 0.97 -20.52
C LEU C 12 -49.78 -0.16 -19.88
N ARG C 13 -50.21 -0.63 -18.70
CA ARG C 13 -49.53 -1.76 -18.06
C ARG C 13 -49.63 -3.02 -18.92
N GLN C 14 -50.81 -3.28 -19.50
CA GLN C 14 -50.96 -4.43 -20.37
C GLN C 14 -50.10 -4.30 -21.62
N GLU C 15 -50.01 -3.10 -22.18
CA GLU C 15 -49.14 -2.89 -23.34
C GLU C 15 -47.68 -3.13 -22.99
N ALA C 16 -47.24 -2.64 -21.83
CA ALA C 16 -45.87 -2.90 -21.41
C ALA C 16 -45.62 -4.39 -21.19
N GLU C 17 -46.59 -5.08 -20.58
CA GLU C 17 -46.43 -6.51 -20.33
C GLU C 17 -46.35 -7.29 -21.63
N GLN C 18 -47.19 -6.95 -22.62
CA GLN C 18 -47.14 -7.67 -23.88
C GLN C 18 -45.90 -7.33 -24.67
N LEU C 19 -45.40 -6.10 -24.57
CA LEU C 19 -44.12 -5.76 -25.18
C LEU C 19 -42.98 -6.56 -24.56
N LYS C 20 -42.98 -6.70 -23.23
CA LYS C 20 -41.96 -7.52 -22.57
C LYS C 20 -42.07 -8.97 -23.01
N ASN C 21 -43.31 -9.49 -23.12
CA ASN C 21 -43.49 -10.86 -23.56
C ASN C 21 -42.97 -11.05 -24.99
N GLN C 22 -43.24 -10.08 -25.87
CA GLN C 22 -42.81 -10.23 -27.26
C GLN C 22 -41.29 -10.09 -27.40
N ILE C 23 -40.65 -9.24 -26.60
CA ILE C 23 -39.20 -9.14 -26.67
C ILE C 23 -38.56 -10.40 -26.10
N ARG C 24 -39.16 -10.97 -25.04
CA ARG C 24 -38.63 -12.24 -24.54
C ARG C 24 -38.84 -13.37 -25.54
N ASP C 25 -39.94 -13.35 -26.29
CA ASP C 25 -40.16 -14.34 -27.33
C ASP C 25 -39.16 -14.17 -28.47
N ALA C 26 -38.85 -12.92 -28.84
CA ALA C 26 -37.84 -12.69 -29.86
C ALA C 26 -36.47 -13.15 -29.40
N ARG C 27 -36.14 -12.94 -28.13
CA ARG C 27 -34.88 -13.43 -27.59
C ARG C 27 -34.85 -14.96 -27.60
N LYS C 28 -35.97 -15.60 -27.25
CA LYS C 28 -36.03 -17.06 -27.27
C LYS C 28 -35.93 -17.62 -28.68
N ALA C 29 -36.46 -16.90 -29.67
CA ALA C 29 -36.42 -17.38 -31.05
C ALA C 29 -34.99 -17.52 -31.55
N CYS C 30 -34.13 -16.56 -31.19
CA CYS C 30 -32.71 -16.61 -31.54
C CYS C 30 -31.87 -17.35 -30.51
N ALA C 31 -32.50 -17.94 -29.49
CA ALA C 31 -31.82 -18.69 -28.45
C ALA C 31 -31.72 -20.18 -28.75
N ASP C 32 -31.65 -20.54 -30.04
CA ASP C 32 -31.64 -21.96 -30.41
C ASP C 32 -30.41 -22.67 -29.85
N ALA C 33 -29.24 -22.04 -29.92
CA ALA C 33 -28.01 -22.64 -29.47
C ALA C 33 -27.59 -22.10 -28.12
N THR C 34 -26.52 -22.67 -27.58
CA THR C 34 -25.94 -22.26 -26.30
C THR C 34 -24.44 -22.08 -26.47
N LEU C 35 -23.88 -21.10 -25.77
CA LEU C 35 -22.45 -20.84 -25.87
C LEU C 35 -21.63 -22.03 -25.37
N SER C 36 -22.07 -22.66 -24.28
CA SER C 36 -21.35 -23.82 -23.75
C SER C 36 -21.37 -24.98 -24.74
N GLN C 37 -22.52 -25.21 -25.39
CA GLN C 37 -22.61 -26.28 -26.37
C GLN C 37 -21.67 -26.05 -27.55
N ILE C 38 -21.57 -24.81 -28.01
CA ILE C 38 -20.67 -24.49 -29.11
C ILE C 38 -19.22 -24.65 -28.68
N THR C 39 -18.88 -24.20 -27.47
CA THR C 39 -17.49 -24.19 -27.02
C THR C 39 -17.07 -25.48 -26.33
N ASN C 40 -17.94 -26.50 -26.29
CA ASN C 40 -17.53 -27.78 -25.72
C ASN C 40 -16.39 -28.41 -26.49
N ASN C 41 -16.29 -28.14 -27.79
CA ASN C 41 -15.28 -28.79 -28.62
C ASN C 41 -13.89 -28.19 -28.43
N ILE C 42 -13.79 -26.92 -28.03
CA ILE C 42 -12.49 -26.28 -27.94
C ILE C 42 -11.70 -26.83 -26.75
N ASP C 43 -10.39 -26.66 -26.80
CA ASP C 43 -9.52 -27.16 -25.76
C ASP C 43 -9.70 -26.35 -24.48
N PRO C 44 -9.60 -26.97 -23.31
CA PRO C 44 -9.63 -26.20 -22.06
C PRO C 44 -8.41 -25.32 -21.91
N VAL C 45 -8.59 -24.21 -21.21
CA VAL C 45 -7.50 -23.26 -21.03
C VAL C 45 -6.41 -23.84 -20.14
N GLY C 46 -6.77 -24.67 -19.16
CA GLY C 46 -5.81 -25.22 -18.23
C GLY C 46 -5.60 -24.31 -17.03
N ARG C 47 -4.98 -24.89 -16.01
CA ARG C 47 -4.74 -24.15 -14.77
C ARG C 47 -3.76 -23.00 -15.01
N ILE C 48 -4.06 -21.85 -14.40
CA ILE C 48 -3.25 -20.65 -14.56
C ILE C 48 -2.81 -20.18 -13.19
N GLN C 49 -1.50 -20.09 -13.00
CA GLN C 49 -0.91 -19.57 -11.76
C GLN C 49 -0.36 -18.19 -12.04
N MET C 50 -0.86 -17.20 -11.31
CA MET C 50 -0.44 -15.81 -11.46
C MET C 50 0.00 -15.29 -10.11
N ARG C 51 1.23 -14.78 -10.04
CA ARG C 51 1.85 -14.42 -8.78
C ARG C 51 1.93 -12.92 -8.60
N THR C 52 1.92 -12.49 -7.34
CA THR C 52 2.02 -11.08 -7.00
C THR C 52 3.43 -10.58 -7.33
N ARG C 53 3.53 -9.79 -8.40
CA ARG C 53 4.81 -9.24 -8.81
C ARG C 53 5.16 -7.94 -8.10
N ARG C 54 4.15 -7.13 -7.78
CA ARG C 54 4.35 -5.85 -7.12
C ARG C 54 3.31 -5.69 -6.02
N THR C 55 3.73 -5.09 -4.90
CA THR C 55 2.81 -4.71 -3.83
C THR C 55 3.04 -3.24 -3.53
N LEU C 56 1.97 -2.45 -3.59
CA LEU C 56 2.04 -1.01 -3.42
C LEU C 56 1.51 -0.66 -2.03
N ARG C 57 2.38 -0.12 -1.18
CA ARG C 57 2.03 0.24 0.18
C ARG C 57 2.17 1.75 0.37
N GLY C 58 1.38 2.29 1.29
CA GLY C 58 1.35 3.72 1.49
C GLY C 58 -0.04 4.24 1.84
N HIS C 59 -1.07 3.52 1.44
CA HIS C 59 -2.42 3.87 1.83
C HIS C 59 -2.69 3.44 3.28
N LEU C 60 -3.43 4.28 4.00
CA LEU C 60 -3.67 4.08 5.42
C LEU C 60 -5.13 3.77 5.73
N ALA C 61 -5.88 3.32 4.74
CA ALA C 61 -7.29 2.98 4.91
C ALA C 61 -7.68 2.03 3.80
N LYS C 62 -8.94 1.62 3.80
CA LYS C 62 -9.42 0.69 2.78
C LYS C 62 -9.36 1.32 1.40
N ILE C 63 -8.85 0.56 0.43
CA ILE C 63 -8.78 1.02 -0.96
C ILE C 63 -10.09 0.68 -1.65
N TYR C 64 -10.71 1.67 -2.27
CA TYR C 64 -12.02 1.49 -2.88
C TYR C 64 -12.02 1.46 -4.39
N ALA C 65 -11.09 2.17 -5.04
CA ALA C 65 -11.08 2.21 -6.49
C ALA C 65 -9.65 2.34 -6.99
N MET C 66 -9.41 1.83 -8.20
CA MET C 66 -8.17 2.06 -8.91
C MET C 66 -8.46 2.07 -10.41
N HIS C 67 -7.56 2.67 -11.16
CA HIS C 67 -7.65 2.73 -12.61
C HIS C 67 -6.26 2.74 -13.20
N TRP C 68 -6.13 2.19 -14.40
CA TRP C 68 -4.86 2.18 -15.11
C TRP C 68 -4.76 3.35 -16.06
N GLY C 69 -3.54 3.83 -16.26
CA GLY C 69 -3.29 4.76 -17.35
C GLY C 69 -3.12 4.03 -18.67
N THR C 70 -3.47 4.72 -19.76
CA THR C 70 -3.39 4.10 -21.07
C THR C 70 -1.96 3.77 -21.47
N ASP C 71 -0.96 4.34 -20.79
CA ASP C 71 0.42 3.93 -21.00
C ASP C 71 0.76 2.61 -20.33
N SER C 72 -0.15 2.08 -19.51
CA SER C 72 -0.03 0.78 -18.85
C SER C 72 1.07 0.75 -17.81
N ARG C 73 1.47 1.90 -17.28
CA ARG C 73 2.52 1.94 -16.27
C ARG C 73 2.08 2.73 -15.04
N LEU C 74 1.24 3.73 -15.25
CA LEU C 74 0.77 4.60 -14.17
C LEU C 74 -0.66 4.22 -13.80
N LEU C 75 -0.94 4.21 -12.50
CA LEU C 75 -2.27 3.94 -12.01
C LEU C 75 -2.56 4.86 -10.84
N VAL C 76 -3.84 5.15 -10.63
CA VAL C 76 -4.30 6.00 -9.53
C VAL C 76 -5.26 5.18 -8.68
N SER C 77 -5.13 5.29 -7.36
CA SER C 77 -5.98 4.58 -6.43
C SER C 77 -6.54 5.53 -5.39
N ALA C 78 -7.78 5.27 -4.98
CA ALA C 78 -8.48 6.07 -3.98
C ALA C 78 -8.62 5.26 -2.70
N SER C 79 -8.72 5.95 -1.57
CA SER C 79 -8.81 5.31 -0.28
C SER C 79 -9.60 6.19 0.68
N GLN C 80 -10.03 5.60 1.79
CA GLN C 80 -10.82 6.32 2.79
C GLN C 80 -9.99 7.27 3.63
N ASP C 81 -8.66 7.28 3.48
CA ASP C 81 -7.84 8.27 4.17
C ASP C 81 -7.84 9.62 3.48
N GLY C 82 -8.68 9.82 2.48
CA GLY C 82 -8.74 11.08 1.76
C GLY C 82 -7.49 11.38 0.95
N LYS C 83 -6.97 10.38 0.24
CA LYS C 83 -5.73 10.53 -0.51
C LYS C 83 -5.86 9.84 -1.86
N LEU C 84 -5.53 10.56 -2.93
CA LEU C 84 -5.32 9.98 -4.25
C LEU C 84 -3.83 9.83 -4.47
N ILE C 85 -3.40 8.61 -4.81
CA ILE C 85 -1.99 8.32 -5.03
C ILE C 85 -1.84 7.79 -6.45
N ILE C 86 -1.02 8.47 -7.25
CA ILE C 86 -0.60 7.96 -8.55
C ILE C 86 0.68 7.16 -8.36
N TRP C 87 0.68 5.94 -8.87
CA TRP C 87 1.77 4.99 -8.68
C TRP C 87 2.54 4.82 -9.98
N ASP C 88 3.79 4.40 -9.85
CA ASP C 88 4.56 3.89 -10.98
C ASP C 88 4.69 2.38 -10.77
N SER C 89 3.87 1.61 -11.48
CA SER C 89 3.78 0.18 -11.21
C SER C 89 5.09 -0.55 -11.49
N TYR C 90 5.90 -0.04 -12.43
CA TYR C 90 7.17 -0.68 -12.72
C TYR C 90 8.14 -0.58 -11.56
N THR C 91 8.19 0.59 -10.92
CA THR C 91 9.17 0.88 -9.88
C THR C 91 8.57 1.02 -8.49
N THR C 92 7.24 0.95 -8.37
CA THR C 92 6.52 0.90 -7.10
C THR C 92 6.54 2.25 -6.39
N ASN C 93 7.31 3.20 -6.91
CA ASN C 93 7.42 4.50 -6.27
C ASN C 93 6.29 5.43 -6.68
N LYS C 94 5.96 6.36 -5.79
CA LYS C 94 4.81 7.23 -5.98
C LYS C 94 5.15 8.44 -6.83
N VAL C 95 4.21 8.85 -7.67
CA VAL C 95 4.38 10.02 -8.51
C VAL C 95 3.71 11.25 -7.91
N HIS C 96 2.50 11.09 -7.36
CA HIS C 96 1.76 12.19 -6.79
C HIS C 96 0.94 11.68 -5.62
N ALA C 97 0.56 12.60 -4.74
CA ALA C 97 -0.35 12.30 -3.63
C ALA C 97 -1.30 13.48 -3.51
N ILE C 98 -2.54 13.29 -3.90
CA ILE C 98 -3.52 14.36 -4.01
C ILE C 98 -4.43 14.32 -2.79
N PRO C 99 -4.36 15.28 -1.87
CA PRO C 99 -5.32 15.33 -0.77
C PRO C 99 -6.71 15.65 -1.28
N LEU C 100 -7.71 15.10 -0.60
CA LEU C 100 -9.10 15.27 -0.97
C LEU C 100 -9.87 15.95 0.15
N ARG C 101 -10.81 16.81 -0.21
CA ARG C 101 -11.64 17.48 0.78
C ARG C 101 -12.51 16.48 1.53
N SER C 102 -13.02 15.47 0.83
CA SER C 102 -13.86 14.44 1.43
C SER C 102 -13.13 13.10 1.37
N SER C 103 -13.21 12.34 2.45
CA SER C 103 -12.55 11.05 2.55
C SER C 103 -13.47 9.89 2.20
N TRP C 104 -14.65 10.18 1.66
CA TRP C 104 -15.64 9.16 1.31
C TRP C 104 -15.68 8.91 -0.19
N VAL C 105 -14.54 8.92 -0.85
CA VAL C 105 -14.49 8.71 -2.28
C VAL C 105 -14.74 7.23 -2.60
N MET C 106 -15.56 6.98 -3.62
CA MET C 106 -15.88 5.62 -4.03
C MET C 106 -15.35 5.26 -5.41
N THR C 107 -14.90 6.23 -6.20
CA THR C 107 -14.46 5.95 -7.55
C THR C 107 -13.29 6.87 -7.91
N CYS C 108 -12.52 6.44 -8.91
CA CYS C 108 -11.44 7.23 -9.45
C CYS C 108 -11.23 6.82 -10.91
N ALA C 109 -10.90 7.80 -11.75
CA ALA C 109 -10.65 7.55 -13.17
C ALA C 109 -9.35 8.23 -13.58
N TYR C 110 -8.72 7.65 -14.59
CA TYR C 110 -7.51 8.17 -15.20
C TYR C 110 -7.84 8.60 -16.63
N ALA C 111 -7.55 9.86 -16.95
CA ALA C 111 -7.82 10.34 -18.30
C ALA C 111 -6.95 9.59 -19.30
N PRO C 112 -7.50 9.22 -20.46
CA PRO C 112 -6.70 8.47 -21.44
C PRO C 112 -5.46 9.21 -21.91
N SER C 113 -5.52 10.54 -21.99
CA SER C 113 -4.33 11.31 -22.33
C SER C 113 -3.28 11.24 -21.22
N GLY C 114 -3.72 11.24 -19.97
CA GLY C 114 -2.83 11.25 -18.83
C GLY C 114 -2.67 12.59 -18.16
N ASN C 115 -3.40 13.61 -18.60
CA ASN C 115 -3.26 14.96 -18.07
C ASN C 115 -4.24 15.26 -16.95
N TYR C 116 -5.11 14.31 -16.59
CA TYR C 116 -6.13 14.57 -15.58
C TYR C 116 -6.45 13.26 -14.85
N VAL C 117 -6.98 13.40 -13.64
CA VAL C 117 -7.57 12.29 -12.91
C VAL C 117 -8.89 12.78 -12.31
N ALA C 118 -9.75 11.83 -11.96
CA ALA C 118 -11.04 12.14 -11.38
C ALA C 118 -11.26 11.29 -10.14
N CYS C 119 -12.14 11.78 -9.26
CA CYS C 119 -12.53 11.04 -8.07
C CYS C 119 -13.88 11.55 -7.60
N GLY C 120 -14.56 10.75 -6.80
CA GLY C 120 -15.87 11.14 -6.30
C GLY C 120 -16.39 10.16 -5.28
N GLY C 121 -17.46 10.55 -4.60
CA GLY C 121 -18.04 9.74 -3.57
C GLY C 121 -19.26 10.34 -2.91
N LEU C 122 -19.35 10.23 -1.59
CA LEU C 122 -20.53 10.65 -0.84
C LEU C 122 -20.72 12.16 -0.81
N ASP C 123 -19.84 12.93 -1.46
CA ASP C 123 -20.03 14.37 -1.62
C ASP C 123 -20.83 14.71 -2.88
N ASN C 124 -21.19 13.72 -3.69
CA ASN C 124 -22.00 13.89 -4.89
C ASN C 124 -21.27 14.70 -5.97
N ILE C 125 -19.94 14.66 -5.99
CA ILE C 125 -19.13 15.41 -6.95
C ILE C 125 -18.03 14.51 -7.48
N CYS C 126 -17.91 14.41 -8.80
CA CYS C 126 -16.70 13.88 -9.43
C CYS C 126 -15.78 15.06 -9.72
N SER C 127 -14.60 15.04 -9.10
CA SER C 127 -13.69 16.17 -9.13
C SER C 127 -12.51 15.87 -10.05
N ILE C 128 -12.23 16.79 -10.96
CA ILE C 128 -11.18 16.64 -11.96
C ILE C 128 -9.95 17.38 -11.49
N TYR C 129 -8.81 16.70 -11.48
CA TYR C 129 -7.54 17.24 -10.99
C TYR C 129 -6.57 17.37 -12.14
N ASN C 130 -5.93 18.53 -12.25
CA ASN C 130 -4.98 18.82 -13.33
C ASN C 130 -3.60 18.33 -12.91
N LEU C 131 -3.11 17.29 -13.58
CA LEU C 131 -1.82 16.70 -13.28
C LEU C 131 -0.66 17.38 -14.01
N LYS C 132 -0.95 18.28 -14.96
CA LYS C 132 0.08 18.92 -15.78
C LYS C 132 -0.09 20.44 -15.62
N THR C 133 0.51 20.99 -14.59
CA THR C 133 0.45 22.42 -14.31
C THR C 133 1.83 23.05 -14.45
N ARG C 134 1.83 24.35 -14.71
CA ARG C 134 3.10 25.08 -14.75
C ARG C 134 3.80 25.05 -13.40
N GLU C 135 3.04 25.19 -12.31
CA GLU C 135 3.53 24.90 -10.99
C GLU C 135 3.63 23.38 -10.81
N GLY C 136 4.43 22.95 -9.83
CA GLY C 136 4.69 21.54 -9.69
C GLY C 136 3.71 20.81 -8.80
N ASN C 137 2.58 21.45 -8.50
CA ASN C 137 1.54 20.89 -7.67
C ASN C 137 0.38 20.42 -8.53
N VAL C 138 -0.44 19.52 -7.97
CA VAL C 138 -1.68 19.11 -8.61
C VAL C 138 -2.82 19.87 -7.96
N ARG C 139 -3.55 20.63 -8.77
CA ARG C 139 -4.64 21.45 -8.28
C ARG C 139 -5.95 20.96 -8.89
N VAL C 140 -7.05 21.15 -8.16
CA VAL C 140 -8.35 20.71 -8.64
C VAL C 140 -8.76 21.58 -9.83
N SER C 141 -8.94 20.95 -10.98
CA SER C 141 -9.30 21.67 -12.19
C SER C 141 -10.71 22.20 -12.09
N ARG C 142 -11.66 21.34 -11.73
CA ARG C 142 -13.06 21.72 -11.64
C ARG C 142 -13.82 20.62 -10.91
N GLU C 143 -14.83 21.04 -10.15
CA GLU C 143 -15.71 20.12 -9.43
C GLU C 143 -17.09 20.15 -10.08
N LEU C 144 -17.52 19.00 -10.59
CA LEU C 144 -18.78 18.88 -11.31
C LEU C 144 -19.89 18.54 -10.32
N ALA C 145 -20.90 19.40 -10.25
CA ALA C 145 -22.00 19.22 -9.30
C ALA C 145 -23.32 19.18 -10.05
N GLY C 146 -24.29 18.48 -9.48
CA GLY C 146 -25.60 18.37 -10.08
C GLY C 146 -26.25 17.02 -9.85
N HIS C 147 -25.46 16.00 -9.52
CA HIS C 147 -26.02 14.71 -9.16
C HIS C 147 -26.75 14.82 -7.83
N THR C 148 -27.94 14.20 -7.77
CA THR C 148 -28.75 14.28 -6.56
C THR C 148 -28.16 13.44 -5.44
N GLY C 149 -27.73 12.20 -5.75
CA GLY C 149 -27.17 11.29 -4.78
C GLY C 149 -25.67 11.14 -4.91
N TYR C 150 -25.16 10.11 -4.26
CA TYR C 150 -23.72 9.87 -4.25
C TYR C 150 -23.24 9.53 -5.66
N LEU C 151 -21.91 9.45 -5.81
CA LEU C 151 -21.27 9.22 -7.09
C LEU C 151 -20.44 7.96 -7.00
N SER C 152 -20.80 6.95 -7.81
CA SER C 152 -20.21 5.62 -7.71
C SER C 152 -19.21 5.30 -8.82
N CYS C 153 -19.24 6.02 -9.94
CA CYS C 153 -18.32 5.75 -11.04
C CYS C 153 -18.34 6.92 -12.01
N CYS C 154 -17.18 7.46 -12.32
CA CYS C 154 -17.00 8.38 -13.44
C CYS C 154 -15.86 7.88 -14.32
N ARG C 155 -16.04 7.95 -15.64
CA ARG C 155 -15.08 7.45 -16.61
C ARG C 155 -14.83 8.50 -17.69
N PHE C 156 -13.57 8.76 -17.98
CA PHE C 156 -13.20 9.79 -18.95
C PHE C 156 -13.42 9.30 -20.38
N LEU C 157 -14.18 10.07 -21.15
CA LEU C 157 -14.29 9.83 -22.59
C LEU C 157 -13.10 10.43 -23.34
N ASP C 158 -12.81 11.70 -23.08
CA ASP C 158 -11.63 12.37 -23.57
C ASP C 158 -11.21 13.39 -22.52
N ASP C 159 -10.29 14.28 -22.89
CA ASP C 159 -9.83 15.29 -21.94
C ASP C 159 -10.91 16.27 -21.52
N ASN C 160 -12.01 16.36 -22.27
CA ASN C 160 -13.06 17.33 -22.01
C ASN C 160 -14.40 16.71 -21.66
N GLN C 161 -14.58 15.40 -21.87
CA GLN C 161 -15.85 14.74 -21.63
C GLN C 161 -15.66 13.62 -20.61
N ILE C 162 -16.69 13.38 -19.80
CA ILE C 162 -16.65 12.33 -18.78
C ILE C 162 -18.08 11.96 -18.44
N VAL C 163 -18.34 10.66 -18.35
CA VAL C 163 -19.63 10.14 -17.90
C VAL C 163 -19.52 9.76 -16.43
N THR C 164 -20.55 10.08 -15.67
CA THR C 164 -20.62 9.72 -14.26
C THR C 164 -21.87 8.91 -14.00
N SER C 165 -21.74 7.87 -13.18
CA SER C 165 -22.88 7.15 -12.64
C SER C 165 -23.08 7.56 -11.19
N SER C 166 -24.32 7.54 -10.74
CA SER C 166 -24.66 8.09 -9.43
C SER C 166 -25.70 7.23 -8.75
N GLY C 167 -25.77 7.37 -7.42
CA GLY C 167 -26.75 6.71 -6.61
C GLY C 167 -28.15 7.28 -6.68
N ASP C 168 -28.35 8.34 -7.47
CA ASP C 168 -29.68 8.87 -7.73
C ASP C 168 -30.32 8.24 -8.96
N THR C 169 -29.92 7.01 -9.30
CA THR C 169 -30.51 6.22 -10.39
C THR C 169 -30.36 6.89 -11.75
N THR C 170 -29.30 7.69 -11.93
CA THR C 170 -29.08 8.41 -13.17
C THR C 170 -27.61 8.35 -13.55
N CYS C 171 -27.36 8.54 -14.84
CA CYS C 171 -26.03 8.80 -15.38
C CYS C 171 -26.05 10.17 -16.05
N ALA C 172 -24.86 10.72 -16.27
CA ALA C 172 -24.73 12.05 -16.85
C ALA C 172 -23.44 12.16 -17.63
N LEU C 173 -23.46 12.91 -18.72
CA LEU C 173 -22.28 13.22 -19.51
C LEU C 173 -21.97 14.70 -19.36
N TRP C 174 -20.77 15.01 -18.91
CA TRP C 174 -20.38 16.37 -18.55
C TRP C 174 -19.43 16.96 -19.59
N ASP C 175 -19.51 18.28 -19.73
CA ASP C 175 -18.52 19.07 -20.45
C ASP C 175 -17.67 19.75 -19.39
N ILE C 176 -16.39 19.39 -19.33
CA ILE C 176 -15.57 19.77 -18.19
C ILE C 176 -15.33 21.28 -18.17
N GLU C 177 -15.10 21.89 -19.34
CA GLU C 177 -14.78 23.32 -19.36
C GLU C 177 -15.95 24.14 -18.81
N THR C 178 -17.17 23.84 -19.26
CA THR C 178 -18.34 24.57 -18.77
C THR C 178 -18.75 24.09 -17.39
N GLY C 179 -18.56 22.81 -17.09
CA GLY C 179 -18.92 22.25 -15.81
C GLY C 179 -20.36 21.79 -15.68
N GLN C 180 -21.12 21.77 -16.77
CA GLN C 180 -22.51 21.38 -16.74
C GLN C 180 -22.70 20.07 -17.53
N GLN C 181 -23.74 19.34 -17.17
CA GLN C 181 -24.07 18.12 -17.90
C GLN C 181 -24.56 18.45 -19.30
N THR C 182 -24.10 17.66 -20.28
CA THR C 182 -24.60 17.81 -21.64
C THR C 182 -25.73 16.83 -21.94
N THR C 183 -25.65 15.61 -21.41
CA THR C 183 -26.68 14.61 -21.59
C THR C 183 -26.88 13.86 -20.28
N THR C 184 -28.13 13.46 -20.03
CA THR C 184 -28.48 12.67 -18.86
C THR C 184 -29.12 11.36 -19.30
N PHE C 185 -28.92 10.32 -18.50
CA PHE C 185 -29.40 8.98 -18.81
C PHE C 185 -30.24 8.50 -17.64
N THR C 186 -31.56 8.49 -17.82
CA THR C 186 -32.51 8.19 -16.74
C THR C 186 -33.46 7.07 -17.17
N GLY C 187 -33.04 5.83 -16.94
CA GLY C 187 -33.91 4.69 -17.17
C GLY C 187 -33.88 3.66 -16.06
N HIS C 188 -32.87 3.77 -15.18
CA HIS C 188 -32.71 2.80 -14.11
C HIS C 188 -33.74 3.04 -13.00
N THR C 189 -33.90 2.05 -12.15
CA THR C 189 -34.79 2.12 -10.99
C THR C 189 -34.05 2.18 -9.67
N GLY C 190 -32.97 1.41 -9.52
CA GLY C 190 -32.14 1.46 -8.34
C GLY C 190 -30.88 2.27 -8.55
N ASP C 191 -30.08 2.37 -7.49
CA ASP C 191 -28.85 3.13 -7.54
C ASP C 191 -27.88 2.51 -8.54
N VAL C 192 -27.30 3.34 -9.39
CA VAL C 192 -26.34 2.87 -10.39
C VAL C 192 -25.00 2.65 -9.71
N MET C 193 -24.49 1.42 -9.80
CA MET C 193 -23.30 1.03 -9.05
C MET C 193 -22.04 0.90 -9.89
N SER C 194 -22.14 0.90 -11.22
CA SER C 194 -20.98 0.62 -12.02
C SER C 194 -21.14 1.21 -13.42
N LEU C 195 -20.02 1.28 -14.14
CA LEU C 195 -19.97 1.74 -15.52
C LEU C 195 -18.87 1.00 -16.24
N SER C 196 -18.98 0.98 -17.57
CA SER C 196 -17.90 0.49 -18.42
C SER C 196 -18.07 1.09 -19.81
N LEU C 197 -17.09 1.87 -20.24
CA LEU C 197 -17.11 2.48 -21.56
C LEU C 197 -16.63 1.51 -22.62
N ALA C 198 -17.32 1.50 -23.76
CA ALA C 198 -16.89 0.70 -24.88
C ALA C 198 -15.54 1.19 -25.40
N PRO C 199 -14.71 0.29 -25.95
CA PRO C 199 -13.39 0.72 -26.41
C PRO C 199 -13.43 1.77 -27.52
N ASP C 200 -14.54 1.92 -28.22
CA ASP C 200 -14.69 2.96 -29.22
C ASP C 200 -15.32 4.23 -28.65
N THR C 201 -15.63 4.25 -27.36
CA THR C 201 -16.11 5.45 -26.66
C THR C 201 -17.47 5.90 -27.21
N ARG C 202 -18.19 4.99 -27.88
CA ARG C 202 -19.50 5.29 -28.44
C ARG C 202 -20.65 4.81 -27.58
N LEU C 203 -20.44 3.75 -26.79
CA LEU C 203 -21.48 3.18 -25.94
C LEU C 203 -20.91 2.92 -24.55
N PHE C 204 -21.80 2.71 -23.59
CA PHE C 204 -21.40 2.25 -22.27
C PHE C 204 -22.56 1.51 -21.63
N VAL C 205 -22.23 0.58 -20.74
CA VAL C 205 -23.20 -0.21 -19.98
C VAL C 205 -23.11 0.20 -18.52
N SER C 206 -24.26 0.22 -17.86
CA SER C 206 -24.35 0.58 -16.45
C SER C 206 -25.26 -0.41 -15.74
N GLY C 207 -24.77 -0.96 -14.62
CA GLY C 207 -25.55 -1.83 -13.77
C GLY C 207 -26.06 -1.06 -12.56
N ALA C 208 -27.24 -1.46 -12.07
CA ALA C 208 -27.87 -0.74 -10.97
C ALA C 208 -28.39 -1.76 -9.96
N CYS C 209 -29.06 -1.25 -8.93
CA CYS C 209 -29.61 -2.10 -7.88
C CYS C 209 -30.89 -2.82 -8.28
N ASP C 210 -31.52 -2.42 -9.39
CA ASP C 210 -32.71 -3.10 -9.87
C ASP C 210 -32.40 -4.39 -10.62
N ALA C 211 -31.17 -4.90 -10.48
CA ALA C 211 -30.76 -6.18 -11.07
C ALA C 211 -30.86 -6.18 -12.59
N SER C 212 -30.69 -5.01 -13.20
CA SER C 212 -30.73 -4.89 -14.65
C SER C 212 -29.55 -4.04 -15.12
N ALA C 213 -29.01 -4.40 -16.28
CA ALA C 213 -27.97 -3.63 -16.94
C ALA C 213 -28.54 -2.99 -18.20
N LYS C 214 -28.12 -1.75 -18.46
CA LYS C 214 -28.66 -0.99 -19.58
C LYS C 214 -27.53 -0.53 -20.47
N LEU C 215 -27.83 -0.41 -21.76
CA LEU C 215 -26.88 0.04 -22.77
C LEU C 215 -27.33 1.40 -23.30
N TRP C 216 -26.40 2.34 -23.37
CA TRP C 216 -26.68 3.70 -23.77
C TRP C 216 -25.81 4.09 -24.95
N ASP C 217 -26.34 4.97 -25.80
CA ASP C 217 -25.53 5.64 -26.81
C ASP C 217 -25.21 7.04 -26.32
N VAL C 218 -23.92 7.37 -26.29
CA VAL C 218 -23.49 8.63 -25.66
C VAL C 218 -24.10 9.83 -26.38
N ARG C 219 -24.07 9.81 -27.71
CA ARG C 219 -24.64 10.93 -28.46
C ARG C 219 -26.16 10.91 -28.47
N GLU C 220 -26.76 9.72 -28.62
CA GLU C 220 -28.22 9.63 -28.65
C GLU C 220 -28.84 10.08 -27.33
N GLY C 221 -28.27 9.64 -26.21
CA GLY C 221 -28.77 10.05 -24.91
C GLY C 221 -29.95 9.29 -24.38
N MET C 222 -30.34 8.19 -25.02
CA MET C 222 -31.46 7.38 -24.57
C MET C 222 -31.06 5.92 -24.47
N CYS C 223 -31.74 5.19 -23.60
CA CYS C 223 -31.44 3.78 -23.41
C CYS C 223 -31.74 2.99 -24.67
N ARG C 224 -30.83 2.09 -25.03
CA ARG C 224 -30.94 1.30 -26.25
C ARG C 224 -31.38 -0.13 -25.98
N GLN C 225 -30.72 -0.81 -25.04
CA GLN C 225 -31.06 -2.17 -24.67
C GLN C 225 -31.05 -2.30 -23.16
N THR C 226 -31.92 -3.17 -22.65
CA THR C 226 -31.99 -3.48 -21.22
C THR C 226 -31.76 -4.97 -21.03
N PHE C 227 -30.87 -5.33 -20.11
CA PHE C 227 -30.49 -6.71 -19.87
C PHE C 227 -30.83 -7.08 -18.44
N THR C 228 -31.55 -8.20 -18.28
CA THR C 228 -31.93 -8.71 -16.98
C THR C 228 -31.45 -10.15 -16.84
N GLY C 229 -31.64 -10.71 -15.66
CA GLY C 229 -31.24 -12.09 -15.41
C GLY C 229 -30.62 -12.30 -14.04
N HIS C 230 -29.93 -11.28 -13.53
CA HIS C 230 -29.37 -11.36 -12.19
C HIS C 230 -30.48 -11.33 -11.15
N GLU C 231 -30.20 -11.92 -9.99
CA GLU C 231 -31.18 -11.95 -8.90
C GLU C 231 -31.04 -10.76 -7.96
N SER C 232 -29.84 -10.22 -7.81
CA SER C 232 -29.61 -9.11 -6.89
C SER C 232 -28.94 -7.94 -7.61
N ASP C 233 -28.51 -6.94 -6.85
CA ASP C 233 -27.91 -5.75 -7.45
C ASP C 233 -26.58 -6.08 -8.11
N ILE C 234 -26.32 -5.44 -9.24
CA ILE C 234 -25.10 -5.66 -10.00
C ILE C 234 -24.04 -4.69 -9.50
N ASN C 235 -22.93 -5.23 -8.98
CA ASN C 235 -21.88 -4.44 -8.38
C ASN C 235 -20.75 -4.10 -9.34
N ALA C 236 -20.55 -4.90 -10.38
CA ALA C 236 -19.49 -4.67 -11.34
C ALA C 236 -20.00 -4.93 -12.74
N ILE C 237 -19.34 -4.29 -13.72
CA ILE C 237 -19.68 -4.43 -15.12
C ILE C 237 -18.43 -4.15 -15.92
N CYS C 238 -18.31 -4.79 -17.08
CA CYS C 238 -17.10 -4.68 -17.88
C CYS C 238 -17.42 -5.05 -19.32
N PHE C 239 -16.85 -4.31 -20.26
CA PHE C 239 -17.04 -4.60 -21.67
C PHE C 239 -16.08 -5.69 -22.14
N PHE C 240 -16.58 -6.55 -23.02
CA PHE C 240 -15.71 -7.48 -23.73
C PHE C 240 -14.72 -6.68 -24.59
N PRO C 241 -13.53 -7.22 -24.84
CA PRO C 241 -12.52 -6.44 -25.59
C PRO C 241 -12.99 -5.95 -26.95
N ASN C 242 -13.89 -6.67 -27.62
CA ASN C 242 -14.37 -6.24 -28.93
C ASN C 242 -15.57 -5.31 -28.84
N GLY C 243 -16.14 -5.11 -27.65
CA GLY C 243 -17.25 -4.20 -27.46
C GLY C 243 -18.60 -4.75 -27.85
N ASN C 244 -18.70 -6.02 -28.24
CA ASN C 244 -19.96 -6.62 -28.64
C ASN C 244 -20.59 -7.47 -27.55
N ALA C 245 -20.01 -7.48 -26.35
CA ALA C 245 -20.55 -8.23 -25.23
C ALA C 245 -20.04 -7.58 -23.95
N PHE C 246 -20.60 -7.99 -22.83
CA PHE C 246 -20.16 -7.48 -21.54
C PHE C 246 -20.48 -8.51 -20.46
N ALA C 247 -19.86 -8.33 -19.30
CA ALA C 247 -20.03 -9.23 -18.17
C ALA C 247 -20.46 -8.45 -16.95
N THR C 248 -21.30 -9.07 -16.11
CA THR C 248 -21.83 -8.44 -14.92
C THR C 248 -21.57 -9.33 -13.71
N GLY C 249 -21.17 -8.70 -12.62
CA GLY C 249 -21.06 -9.38 -11.33
C GLY C 249 -22.04 -8.75 -10.35
N SER C 250 -22.64 -9.59 -9.50
CA SER C 250 -23.70 -9.15 -8.62
C SER C 250 -23.50 -9.73 -7.23
N ASP C 251 -24.42 -9.39 -6.32
CA ASP C 251 -24.37 -9.85 -4.95
C ASP C 251 -24.87 -11.28 -4.77
N ASP C 252 -25.53 -11.86 -5.77
CA ASP C 252 -25.98 -13.24 -5.67
C ASP C 252 -24.91 -14.23 -6.09
N ALA C 253 -23.64 -13.83 -6.08
CA ALA C 253 -22.50 -14.74 -6.21
C ALA C 253 -22.49 -15.47 -7.55
N THR C 254 -22.71 -14.72 -8.62
CA THR C 254 -22.61 -15.29 -9.96
C THR C 254 -22.26 -14.20 -10.95
N CYS C 255 -21.42 -14.55 -11.93
CA CYS C 255 -21.14 -13.69 -13.07
C CYS C 255 -21.97 -14.15 -14.26
N ARG C 256 -22.41 -13.21 -15.07
CA ARG C 256 -23.16 -13.53 -16.27
C ARG C 256 -22.61 -12.73 -17.43
N LEU C 257 -22.41 -13.40 -18.56
CA LEU C 257 -21.92 -12.75 -19.78
C LEU C 257 -23.10 -12.47 -20.69
N PHE C 258 -23.34 -11.20 -20.98
CA PHE C 258 -24.36 -10.76 -21.90
C PHE C 258 -23.73 -10.25 -23.18
N ASP C 259 -24.50 -10.25 -24.26
CA ASP C 259 -24.03 -9.74 -25.54
C ASP C 259 -25.07 -8.82 -26.16
N LEU C 260 -24.58 -7.80 -26.85
CA LEU C 260 -25.46 -6.74 -27.33
C LEU C 260 -26.24 -7.15 -28.58
N ARG C 261 -25.59 -7.88 -29.50
CA ARG C 261 -26.23 -8.20 -30.77
C ARG C 261 -27.35 -9.23 -30.59
N ALA C 262 -27.09 -10.30 -29.84
CA ALA C 262 -28.11 -11.30 -29.58
C ALA C 262 -29.10 -10.86 -28.51
N ASP C 263 -28.73 -9.91 -27.65
CA ASP C 263 -29.65 -9.28 -26.70
C ASP C 263 -30.12 -10.26 -25.61
N GLN C 264 -29.22 -11.11 -25.13
CA GLN C 264 -29.56 -11.99 -24.02
C GLN C 264 -28.28 -12.53 -23.39
N GLU C 265 -28.46 -13.14 -22.22
CA GLU C 265 -27.35 -13.77 -21.51
C GLU C 265 -26.85 -14.99 -22.27
N LEU C 266 -25.53 -15.17 -22.26
CA LEU C 266 -24.89 -16.30 -22.93
C LEU C 266 -24.30 -17.32 -21.96
N MET C 267 -23.69 -16.87 -20.87
CA MET C 267 -22.98 -17.76 -19.98
C MET C 267 -23.23 -17.36 -18.53
N THR C 268 -23.14 -18.34 -17.64
CA THR C 268 -23.24 -18.15 -16.20
C THR C 268 -21.99 -18.70 -15.54
N TYR C 269 -21.33 -17.88 -14.74
CA TYR C 269 -20.08 -18.25 -14.09
C TYR C 269 -20.35 -18.35 -12.58
N SER C 270 -20.64 -19.56 -12.11
CA SER C 270 -20.90 -19.78 -10.70
C SER C 270 -20.43 -21.17 -10.31
N HIS C 271 -19.96 -21.28 -9.06
CA HIS C 271 -19.61 -22.55 -8.46
C HIS C 271 -20.36 -22.71 -7.16
N ASP C 272 -20.69 -23.96 -6.83
CA ASP C 272 -21.39 -24.23 -5.57
C ASP C 272 -20.55 -23.88 -4.35
N ASN C 273 -19.23 -23.77 -4.52
CA ASN C 273 -18.33 -23.41 -3.43
C ASN C 273 -18.27 -21.91 -3.17
N ILE C 274 -18.87 -21.09 -4.03
CA ILE C 274 -18.82 -19.65 -3.91
C ILE C 274 -20.20 -19.16 -3.49
N ILE C 275 -20.25 -18.40 -2.39
CA ILE C 275 -21.51 -17.85 -1.89
C ILE C 275 -21.34 -16.34 -1.73
N CYS C 276 -20.10 -15.89 -1.58
CA CYS C 276 -19.84 -14.47 -1.39
C CYS C 276 -20.11 -13.69 -2.67
N GLY C 277 -20.48 -12.42 -2.49
CA GLY C 277 -20.81 -11.56 -3.61
C GLY C 277 -19.58 -11.17 -4.41
N ILE C 278 -19.83 -10.42 -5.47
CA ILE C 278 -18.81 -10.03 -6.43
C ILE C 278 -18.68 -8.51 -6.41
N THR C 279 -17.46 -8.02 -6.22
CA THR C 279 -17.20 -6.59 -6.11
C THR C 279 -16.60 -5.98 -7.37
N SER C 280 -15.88 -6.76 -8.17
CA SER C 280 -15.19 -6.24 -9.33
C SER C 280 -15.11 -7.33 -10.38
N VAL C 281 -14.96 -6.91 -11.63
CA VAL C 281 -14.88 -7.84 -12.75
C VAL C 281 -14.11 -7.14 -13.86
N SER C 282 -13.37 -7.94 -14.64
CA SER C 282 -12.58 -7.41 -15.75
C SER C 282 -12.30 -8.54 -16.72
N PHE C 283 -11.67 -8.21 -17.84
CA PHE C 283 -11.38 -9.15 -18.89
C PHE C 283 -9.90 -9.10 -19.23
N SER C 284 -9.38 -10.22 -19.72
CA SER C 284 -8.05 -10.22 -20.29
C SER C 284 -8.09 -9.59 -21.68
N LYS C 285 -6.89 -9.30 -22.22
CA LYS C 285 -6.81 -8.55 -23.47
C LYS C 285 -7.49 -9.30 -24.62
N SER C 286 -7.50 -10.63 -24.58
CA SER C 286 -8.16 -11.42 -25.60
C SER C 286 -9.61 -11.76 -25.26
N GLY C 287 -10.04 -11.48 -24.04
CA GLY C 287 -11.39 -11.82 -23.61
C GLY C 287 -11.60 -13.26 -23.20
N ARG C 288 -10.55 -14.09 -23.23
CA ARG C 288 -10.69 -15.49 -22.86
C ARG C 288 -10.75 -15.69 -21.36
N LEU C 289 -10.17 -14.77 -20.59
CA LEU C 289 -10.18 -14.84 -19.14
C LEU C 289 -11.07 -13.75 -18.57
N LEU C 290 -11.85 -14.11 -17.55
CA LEU C 290 -12.71 -13.17 -16.85
C LEU C 290 -12.32 -13.19 -15.38
N LEU C 291 -11.77 -12.08 -14.89
CA LEU C 291 -11.27 -12.00 -13.52
C LEU C 291 -12.31 -11.28 -12.67
N ALA C 292 -12.85 -11.99 -11.68
CA ALA C 292 -13.88 -11.46 -10.80
C ALA C 292 -13.39 -11.51 -9.37
N GLY C 293 -13.57 -10.40 -8.64
CA GLY C 293 -13.20 -10.32 -7.24
C GLY C 293 -14.41 -10.54 -6.36
N TYR C 294 -14.19 -11.14 -5.20
CA TYR C 294 -15.27 -11.58 -4.33
C TYR C 294 -15.10 -11.03 -2.92
N ASP C 295 -16.17 -11.18 -2.13
CA ASP C 295 -16.14 -10.82 -0.72
C ASP C 295 -15.31 -11.79 0.12
N ASP C 296 -14.93 -12.94 -0.43
CA ASP C 296 -14.23 -13.98 0.30
C ASP C 296 -12.71 -13.81 0.24
N PHE C 297 -12.23 -12.59 0.07
CA PHE C 297 -10.85 -12.15 0.23
C PHE C 297 -9.96 -12.50 -0.97
N ASN C 298 -10.48 -13.12 -2.03
CA ASN C 298 -9.62 -13.49 -3.14
C ASN C 298 -10.37 -13.34 -4.46
N CYS C 299 -9.59 -13.13 -5.51
CA CYS C 299 -10.07 -13.11 -6.88
C CYS C 299 -9.78 -14.45 -7.55
N ASN C 300 -10.63 -14.82 -8.50
CA ASN C 300 -10.41 -16.07 -9.22
C ASN C 300 -10.70 -15.87 -10.70
N VAL C 301 -9.99 -16.63 -11.52
CA VAL C 301 -10.04 -16.52 -12.97
C VAL C 301 -11.06 -17.50 -13.51
N TRP C 302 -11.87 -17.03 -14.46
CA TRP C 302 -12.89 -17.85 -15.11
C TRP C 302 -12.57 -17.97 -16.59
N ASP C 303 -12.63 -19.19 -17.11
CA ASP C 303 -12.60 -19.41 -18.55
C ASP C 303 -13.87 -18.84 -19.15
N ALA C 304 -13.75 -17.76 -19.93
CA ALA C 304 -14.92 -17.04 -20.40
C ALA C 304 -15.75 -17.84 -21.39
N LEU C 305 -15.15 -18.81 -22.07
CA LEU C 305 -15.85 -19.59 -23.08
C LEU C 305 -16.39 -20.92 -22.56
N LYS C 306 -15.85 -21.43 -21.45
CA LYS C 306 -16.28 -22.70 -20.89
C LYS C 306 -16.84 -22.59 -19.48
N ALA C 307 -16.74 -21.41 -18.85
CA ALA C 307 -17.35 -21.16 -17.54
C ALA C 307 -16.80 -22.05 -16.44
N ASP C 308 -15.53 -22.40 -16.51
CA ASP C 308 -14.87 -23.15 -15.46
C ASP C 308 -13.67 -22.37 -14.92
N ARG C 309 -13.39 -22.54 -13.64
CA ARG C 309 -12.29 -21.82 -13.01
C ARG C 309 -10.94 -22.29 -13.55
N ALA C 310 -10.03 -21.35 -13.74
CA ALA C 310 -8.69 -21.63 -14.22
C ALA C 310 -7.60 -21.17 -13.26
N GLY C 311 -7.97 -20.59 -12.13
CA GLY C 311 -6.98 -20.11 -11.19
C GLY C 311 -7.63 -19.24 -10.13
N VAL C 312 -6.79 -18.80 -9.19
CA VAL C 312 -7.24 -18.00 -8.05
C VAL C 312 -6.15 -16.98 -7.74
N LEU C 313 -6.57 -15.74 -7.46
CA LEU C 313 -5.67 -14.70 -6.97
C LEU C 313 -5.96 -14.53 -5.49
N ALA C 314 -5.10 -15.12 -4.64
CA ALA C 314 -5.42 -15.24 -3.22
C ALA C 314 -4.37 -14.62 -2.32
N GLY C 315 -3.97 -13.39 -2.61
CA GLY C 315 -2.96 -12.70 -1.81
C GLY C 315 -3.45 -11.55 -0.97
N HIS C 316 -4.75 -11.41 -0.75
CA HIS C 316 -5.31 -10.25 -0.04
C HIS C 316 -5.89 -10.69 1.30
N ASP C 317 -5.97 -9.74 2.23
CA ASP C 317 -6.39 -10.00 3.59
C ASP C 317 -7.78 -9.46 3.91
N ASN C 318 -8.49 -8.94 2.92
CA ASN C 318 -9.80 -8.36 3.14
C ASN C 318 -10.58 -8.43 1.83
N ARG C 319 -11.73 -7.77 1.81
CA ARG C 319 -12.59 -7.79 0.63
C ARG C 319 -11.90 -7.07 -0.52
N VAL C 320 -11.66 -7.80 -1.62
CA VAL C 320 -11.07 -7.22 -2.81
C VAL C 320 -12.13 -6.36 -3.49
N SER C 321 -11.95 -5.04 -3.41
CA SER C 321 -12.95 -4.11 -3.91
C SER C 321 -12.75 -3.72 -5.37
N CYS C 322 -11.51 -3.69 -5.84
CA CYS C 322 -11.23 -3.25 -7.20
C CYS C 322 -10.21 -4.17 -7.85
N LEU C 323 -10.32 -4.29 -9.17
CA LEU C 323 -9.29 -4.93 -9.98
C LEU C 323 -9.41 -4.42 -11.41
N GLY C 324 -8.27 -4.35 -12.08
CA GLY C 324 -8.23 -3.86 -13.44
C GLY C 324 -7.06 -4.43 -14.20
N VAL C 325 -7.23 -4.56 -15.51
CA VAL C 325 -6.21 -5.12 -16.39
C VAL C 325 -5.69 -4.03 -17.30
N THR C 326 -4.39 -4.06 -17.59
CA THR C 326 -3.77 -3.07 -18.44
C THR C 326 -4.29 -3.17 -19.87
N ASP C 327 -4.13 -2.08 -20.62
CA ASP C 327 -4.62 -2.05 -22.00
C ASP C 327 -3.81 -2.98 -22.91
N ASP C 328 -2.58 -3.31 -22.52
CA ASP C 328 -1.80 -4.29 -23.26
C ASP C 328 -1.81 -5.67 -22.60
N GLY C 329 -2.50 -5.81 -21.47
CA GLY C 329 -2.79 -7.11 -20.90
C GLY C 329 -1.65 -7.79 -20.18
N MET C 330 -0.58 -7.08 -19.85
CA MET C 330 0.56 -7.74 -19.19
C MET C 330 0.28 -8.03 -17.73
N ALA C 331 -0.54 -7.20 -17.07
CA ALA C 331 -0.74 -7.33 -15.64
C ALA C 331 -2.16 -6.96 -15.26
N VAL C 332 -2.57 -7.45 -14.09
CA VAL C 332 -3.82 -7.07 -13.45
C VAL C 332 -3.50 -6.58 -12.05
N ALA C 333 -4.02 -5.41 -11.70
CA ALA C 333 -3.82 -4.81 -10.38
C ALA C 333 -5.11 -4.93 -9.58
N THR C 334 -5.00 -5.44 -8.36
CA THR C 334 -6.16 -5.59 -7.48
C THR C 334 -5.93 -4.80 -6.21
N GLY C 335 -6.98 -4.13 -5.75
CA GLY C 335 -6.97 -3.44 -4.48
C GLY C 335 -7.94 -4.12 -3.53
N SER C 336 -7.69 -3.97 -2.23
CA SER C 336 -8.55 -4.57 -1.21
C SER C 336 -8.67 -3.63 -0.03
N TRP C 337 -9.41 -4.08 0.98
CA TRP C 337 -9.64 -3.30 2.18
C TRP C 337 -8.51 -3.42 3.19
N ASP C 338 -7.47 -4.20 2.89
CA ASP C 338 -6.28 -4.27 3.72
C ASP C 338 -5.29 -3.16 3.40
N SER C 339 -5.63 -2.25 2.50
CA SER C 339 -4.85 -1.05 2.19
C SER C 339 -3.58 -1.37 1.40
N PHE C 340 -3.58 -2.44 0.62
CA PHE C 340 -2.47 -2.75 -0.27
C PHE C 340 -2.97 -3.02 -1.67
N LEU C 341 -2.19 -2.61 -2.66
CA LEU C 341 -2.46 -2.88 -4.07
C LEU C 341 -1.43 -3.89 -4.56
N LYS C 342 -1.89 -4.95 -5.20
CA LYS C 342 -1.03 -6.01 -5.70
C LYS C 342 -1.17 -6.09 -7.22
N ILE C 343 -0.05 -6.29 -7.90
CA ILE C 343 -0.01 -6.43 -9.35
C ILE C 343 0.39 -7.86 -9.69
N TRP C 344 -0.41 -8.53 -10.51
CA TRP C 344 -0.27 -9.95 -10.80
C TRP C 344 0.05 -10.15 -12.27
N ASN C 345 0.94 -11.09 -12.56
CA ASN C 345 1.27 -11.45 -13.94
C ASN C 345 0.96 -12.91 -14.21
N THR D 6 -51.36 13.29 -13.69
CA THR D 6 -51.11 12.44 -14.85
C THR D 6 -49.63 12.14 -15.02
N ALA D 7 -48.85 12.40 -13.96
CA ALA D 7 -47.42 12.11 -14.01
C ALA D 7 -47.17 10.62 -14.17
N SER D 8 -47.94 9.78 -13.47
CA SER D 8 -47.81 8.34 -13.61
C SER D 8 -48.16 7.90 -15.03
N ILE D 9 -49.19 8.51 -15.63
CA ILE D 9 -49.56 8.18 -17.00
C ILE D 9 -48.44 8.58 -17.95
N ALA D 10 -47.81 9.73 -17.73
CA ALA D 10 -46.69 10.15 -18.56
C ALA D 10 -45.51 9.20 -18.43
N GLN D 11 -45.23 8.76 -17.19
CA GLN D 11 -44.16 7.78 -16.99
C GLN D 11 -44.47 6.47 -17.69
N ALA D 12 -45.72 6.02 -17.62
CA ALA D 12 -46.11 4.79 -18.31
C ALA D 12 -45.97 4.93 -19.82
N ARG D 13 -46.35 6.10 -20.36
CA ARG D 13 -46.18 6.33 -21.79
C ARG D 13 -44.71 6.33 -22.19
N LYS D 14 -43.85 6.93 -21.36
CA LYS D 14 -42.42 6.92 -21.63
C LYS D 14 -41.88 5.50 -21.60
N LEU D 15 -42.31 4.70 -20.63
CA LEU D 15 -41.89 3.29 -20.57
C LEU D 15 -42.36 2.53 -21.80
N VAL D 16 -43.60 2.78 -22.24
CA VAL D 16 -44.13 2.11 -23.43
C VAL D 16 -43.30 2.47 -24.65
N GLU D 17 -42.98 3.75 -24.82
CA GLU D 17 -42.15 4.17 -25.95
C GLU D 17 -40.76 3.55 -25.88
N GLN D 18 -40.17 3.51 -24.69
CA GLN D 18 -38.84 2.93 -24.55
C GLN D 18 -38.84 1.45 -24.89
N LEU D 19 -39.84 0.71 -24.41
CA LEU D 19 -39.92 -0.71 -24.72
C LEU D 19 -40.20 -0.94 -26.20
N LYS D 20 -41.04 -0.10 -26.81
CA LYS D 20 -41.34 -0.22 -28.23
C LYS D 20 -40.09 -0.01 -29.07
N MET D 21 -39.30 1.02 -28.75
CA MET D 21 -38.08 1.26 -29.51
C MET D 21 -37.03 0.19 -29.22
N GLU D 22 -37.02 -0.35 -28.00
CA GLU D 22 -36.14 -1.46 -27.67
C GLU D 22 -36.55 -2.74 -28.39
N ALA D 23 -37.81 -2.83 -28.81
CA ALA D 23 -38.31 -4.01 -29.52
C ALA D 23 -38.12 -3.91 -31.03
N ASN D 24 -37.51 -2.84 -31.53
CA ASN D 24 -37.34 -2.60 -32.95
C ASN D 24 -35.87 -2.65 -33.37
N ILE D 25 -35.13 -3.62 -32.84
CA ILE D 25 -33.72 -3.81 -33.17
C ILE D 25 -33.52 -5.24 -33.60
N ASP D 26 -32.77 -5.43 -34.70
CA ASP D 26 -32.50 -6.78 -35.20
C ASP D 26 -31.66 -7.55 -34.19
N ARG D 27 -32.00 -8.81 -33.98
CA ARG D 27 -31.33 -9.67 -33.02
C ARG D 27 -30.63 -10.80 -33.76
N ILE D 28 -29.35 -10.98 -33.48
CA ILE D 28 -28.54 -12.02 -34.10
C ILE D 28 -28.69 -13.31 -33.29
N LYS D 29 -28.74 -14.44 -34.00
CA LYS D 29 -28.90 -15.73 -33.36
C LYS D 29 -27.75 -16.01 -32.40
N VAL D 30 -28.07 -16.68 -31.29
CA VAL D 30 -27.08 -16.94 -30.25
C VAL D 30 -25.90 -17.74 -30.78
N SER D 31 -26.14 -18.64 -31.74
CA SER D 31 -25.05 -19.41 -32.33
C SER D 31 -24.05 -18.49 -33.02
N LYS D 32 -24.55 -17.52 -33.79
CA LYS D 32 -23.66 -16.61 -34.51
C LYS D 32 -22.84 -15.75 -33.54
N ALA D 33 -23.48 -15.22 -32.50
CA ALA D 33 -22.75 -14.41 -31.54
C ALA D 33 -21.72 -15.23 -30.77
N ALA D 34 -22.08 -16.46 -30.39
CA ALA D 34 -21.12 -17.33 -29.71
C ALA D 34 -19.93 -17.66 -30.61
N ALA D 35 -20.20 -17.92 -31.90
CA ALA D 35 -19.11 -18.17 -32.83
C ALA D 35 -18.24 -16.93 -33.00
N ASP D 36 -18.84 -15.75 -33.03
CA ASP D 36 -18.06 -14.52 -33.13
C ASP D 36 -17.16 -14.32 -31.92
N LEU D 37 -17.71 -14.55 -30.73
CA LEU D 37 -16.89 -14.43 -29.51
C LEU D 37 -15.77 -15.46 -29.50
N MET D 38 -16.07 -16.69 -29.91
CA MET D 38 -15.04 -17.73 -29.97
C MET D 38 -13.95 -17.36 -30.97
N ALA D 39 -14.32 -16.83 -32.13
CA ALA D 39 -13.33 -16.44 -33.13
C ALA D 39 -12.49 -15.27 -32.63
N TYR D 40 -13.10 -14.30 -31.95
CA TYR D 40 -12.32 -13.18 -31.42
C TYR D 40 -11.35 -13.66 -30.35
N CYS D 41 -11.79 -14.57 -29.47
CA CYS D 41 -10.89 -15.09 -28.45
C CYS D 41 -9.75 -15.90 -29.08
N GLU D 42 -10.05 -16.68 -30.12
CA GLU D 42 -9.03 -17.51 -30.75
C GLU D 42 -8.02 -16.67 -31.52
N ALA D 43 -8.49 -15.63 -32.23
CA ALA D 43 -7.60 -14.85 -33.08
C ALA D 43 -6.61 -14.01 -32.28
N HIS D 44 -6.98 -13.60 -31.06
CA HIS D 44 -6.11 -12.80 -30.22
C HIS D 44 -5.54 -13.60 -29.04
N ALA D 45 -5.62 -14.94 -29.10
CA ALA D 45 -5.13 -15.76 -27.99
C ALA D 45 -3.62 -15.63 -27.83
N LYS D 46 -2.88 -15.56 -28.93
CA LYS D 46 -1.43 -15.46 -28.83
C LYS D 46 -0.98 -14.07 -28.40
N GLU D 47 -1.86 -13.08 -28.49
CA GLU D 47 -1.53 -11.72 -28.06
C GLU D 47 -1.82 -11.48 -26.59
N ASP D 48 -2.44 -12.44 -25.91
CA ASP D 48 -2.79 -12.28 -24.51
C ASP D 48 -1.61 -12.66 -23.62
N PRO D 49 -1.06 -11.73 -22.83
CA PRO D 49 0.06 -12.09 -21.95
C PRO D 49 -0.37 -12.88 -20.73
N LEU D 50 -1.63 -12.71 -20.30
CA LEU D 50 -2.11 -13.45 -19.14
C LEU D 50 -2.55 -14.86 -19.49
N LEU D 51 -3.06 -15.06 -20.70
CA LEU D 51 -3.44 -16.41 -21.13
C LEU D 51 -2.20 -17.27 -21.34
N THR D 52 -1.22 -16.75 -22.07
CA THR D 52 0.03 -17.45 -22.32
C THR D 52 1.15 -16.71 -21.61
N PRO D 53 1.68 -17.24 -20.49
CA PRO D 53 2.69 -16.49 -19.73
C PRO D 53 3.94 -16.22 -20.56
N VAL D 54 4.27 -14.94 -20.70
CA VAL D 54 5.45 -14.51 -21.43
C VAL D 54 6.69 -14.85 -20.61
N PRO D 55 7.84 -15.05 -21.23
CA PRO D 55 9.07 -15.31 -20.47
C PRO D 55 9.51 -14.06 -19.72
N ALA D 56 10.40 -14.27 -18.75
CA ALA D 56 10.84 -13.19 -17.88
C ALA D 56 11.60 -12.09 -18.61
N SER D 57 12.05 -12.36 -19.84
CA SER D 57 12.79 -11.34 -20.58
C SER D 57 11.91 -10.16 -20.95
N GLU D 58 10.72 -10.42 -21.50
CA GLU D 58 9.80 -9.38 -21.92
C GLU D 58 8.69 -9.15 -20.90
N ASN D 59 9.02 -9.29 -19.62
CA ASN D 59 8.07 -9.04 -18.55
C ASN D 59 8.36 -7.69 -17.94
N PRO D 60 7.49 -6.69 -18.10
CA PRO D 60 7.75 -5.38 -17.48
C PRO D 60 7.78 -5.43 -15.96
N PHE D 61 7.21 -6.46 -15.36
CA PHE D 61 7.19 -6.64 -13.91
C PHE D 61 8.03 -7.86 -13.56
N ARG D 62 9.05 -7.66 -12.73
CA ARG D 62 9.98 -8.73 -12.41
C ARG D 62 10.45 -8.57 -10.97
N GLU D 63 10.91 -9.68 -10.40
CA GLU D 63 11.42 -9.69 -9.03
C GLU D 63 12.83 -9.11 -8.96
N ASP E 1 2.85 34.43 -12.58
CA ASP E 1 3.40 33.31 -13.33
C ASP E 1 4.73 32.86 -12.74
N VAL E 2 5.30 31.79 -13.29
CA VAL E 2 6.58 31.28 -12.81
C VAL E 2 7.67 32.27 -13.14
N GLN E 3 8.49 32.62 -12.15
CA GLN E 3 9.64 33.47 -12.38
C GLN E 3 10.68 33.22 -11.29
N LEU E 4 11.95 33.24 -11.69
CA LEU E 4 13.08 33.16 -10.77
C LEU E 4 13.93 34.40 -10.97
N VAL E 5 14.15 35.16 -9.89
CA VAL E 5 14.88 36.42 -9.94
C VAL E 5 16.14 36.26 -9.09
N GLU E 6 17.29 36.58 -9.67
CA GLU E 6 18.57 36.42 -9.02
C GLU E 6 19.08 37.75 -8.48
N SER E 7 19.99 37.68 -7.51
CA SER E 7 20.52 38.87 -6.88
C SER E 7 21.92 38.59 -6.37
N GLY E 8 22.67 39.66 -6.14
CA GLY E 8 24.02 39.56 -5.61
C GLY E 8 25.06 39.55 -6.71
N GLY E 9 26.30 39.80 -6.31
CA GLY E 9 27.42 39.77 -7.23
C GLY E 9 27.53 41.04 -8.05
N GLY E 10 28.63 41.10 -8.80
CA GLY E 10 28.87 42.22 -9.69
C GLY E 10 30.31 42.71 -9.67
N LEU E 11 30.94 42.69 -8.50
CA LEU E 11 32.33 43.11 -8.36
C LEU E 11 32.89 42.47 -7.09
N VAL E 12 33.81 41.52 -7.25
CA VAL E 12 34.41 40.81 -6.13
C VAL E 12 35.91 40.71 -6.37
N GLN E 13 36.70 41.07 -5.36
CA GLN E 13 38.13 40.94 -5.46
C GLN E 13 38.53 39.45 -5.34
N PRO E 14 39.60 39.04 -6.02
CA PRO E 14 40.00 37.64 -5.99
C PRO E 14 40.32 37.18 -4.57
N GLY E 15 39.96 35.94 -4.27
CA GLY E 15 40.15 35.38 -2.95
C GLY E 15 39.08 35.73 -1.95
N GLY E 16 38.09 36.53 -2.33
CA GLY E 16 37.03 36.95 -1.44
C GLY E 16 35.88 35.97 -1.38
N SER E 17 34.72 36.49 -0.98
CA SER E 17 33.52 35.69 -0.83
C SER E 17 32.33 36.46 -1.37
N ARG E 18 31.29 35.72 -1.75
CA ARG E 18 30.07 36.33 -2.26
C ARG E 18 28.89 35.41 -1.96
N LYS E 19 27.69 35.98 -2.02
CA LYS E 19 26.46 35.27 -1.72
C LYS E 19 25.44 35.56 -2.81
N LEU E 20 25.12 34.53 -3.59
CA LEU E 20 24.10 34.64 -4.63
C LEU E 20 22.77 34.18 -4.07
N SER E 21 21.71 34.95 -4.35
CA SER E 21 20.38 34.65 -3.88
C SER E 21 19.42 34.53 -5.07
N CYS E 22 18.53 33.55 -5.00
CA CYS E 22 17.56 33.28 -6.05
C CYS E 22 16.18 33.23 -5.44
N SER E 23 15.39 34.28 -5.64
CA SER E 23 14.05 34.38 -5.08
C SER E 23 13.04 33.88 -6.10
N ALA E 24 12.28 32.86 -5.72
CA ALA E 24 11.31 32.23 -6.60
C ALA E 24 9.90 32.70 -6.26
N SER E 25 9.03 32.71 -7.27
CA SER E 25 7.63 33.07 -7.08
C SER E 25 6.83 32.48 -8.22
N GLY E 26 5.55 32.22 -7.94
CA GLY E 26 4.64 31.72 -8.94
C GLY E 26 4.60 30.21 -9.10
N PHE E 27 5.34 29.47 -8.29
CA PHE E 27 5.30 28.01 -8.35
C PHE E 27 5.68 27.43 -6.99
N ALA E 28 5.42 26.15 -6.83
CA ALA E 28 5.70 25.43 -5.58
C ALA E 28 7.20 25.18 -5.50
N PHE E 29 7.91 26.12 -4.88
CA PHE E 29 9.37 26.06 -4.84
C PHE E 29 9.87 24.81 -4.11
N SER E 30 9.10 24.30 -3.15
CA SER E 30 9.60 23.21 -2.31
C SER E 30 9.68 21.89 -3.06
N SER E 31 8.79 21.66 -4.02
CA SER E 31 8.74 20.38 -4.73
C SER E 31 9.82 20.23 -5.78
N PHE E 32 10.52 21.31 -6.14
CA PHE E 32 11.49 21.29 -7.22
C PHE E 32 12.92 21.21 -6.66
N GLY E 33 13.74 20.37 -7.27
CA GLY E 33 15.17 20.49 -7.12
C GLY E 33 15.69 21.69 -7.89
N MET E 34 16.75 22.30 -7.38
CA MET E 34 17.19 23.58 -7.88
C MET E 34 18.67 23.50 -8.26
N HIS E 35 19.01 24.04 -9.42
CA HIS E 35 20.36 23.97 -9.95
C HIS E 35 20.94 25.37 -10.08
N TRP E 36 22.27 25.45 -9.96
CA TRP E 36 23.01 26.65 -10.33
C TRP E 36 23.81 26.34 -11.59
N VAL E 37 23.64 27.18 -12.60
CA VAL E 37 24.32 27.03 -13.89
C VAL E 37 24.94 28.37 -14.24
N ARG E 38 26.20 28.35 -14.64
CA ARG E 38 26.91 29.56 -15.00
C ARG E 38 27.50 29.44 -16.41
N GLN E 39 27.63 30.59 -17.07
CA GLN E 39 28.30 30.64 -18.36
C GLN E 39 29.22 31.85 -18.37
N ALA E 40 30.47 31.64 -18.77
CA ALA E 40 31.44 32.70 -18.83
C ALA E 40 31.15 33.61 -20.03
N PRO E 41 31.64 34.85 -20.00
CA PRO E 41 31.49 35.72 -21.18
C PRO E 41 32.07 35.06 -22.42
N GLU E 42 31.23 34.89 -23.44
CA GLU E 42 31.59 34.20 -24.68
C GLU E 42 32.08 32.78 -24.40
N LYS E 43 31.25 32.01 -23.70
CA LYS E 43 31.54 30.62 -23.40
C LYS E 43 30.22 29.92 -23.09
N GLY E 44 30.23 28.60 -23.20
CA GLY E 44 29.03 27.82 -23.04
C GLY E 44 28.60 27.68 -21.60
N LEU E 45 27.50 26.95 -21.42
CA LEU E 45 26.94 26.72 -20.09
C LEU E 45 27.78 25.72 -19.31
N GLU E 46 27.66 25.78 -17.98
CA GLU E 46 28.43 24.91 -17.09
C GLU E 46 27.65 24.75 -15.80
N TRP E 47 27.19 23.53 -15.54
CA TRP E 47 26.45 23.23 -14.32
C TRP E 47 27.34 23.39 -13.10
N VAL E 48 26.80 23.96 -12.03
CA VAL E 48 27.59 24.29 -10.85
C VAL E 48 27.23 23.38 -9.68
N ALA E 49 25.96 23.40 -9.26
CA ALA E 49 25.57 22.69 -8.06
C ALA E 49 24.08 22.35 -8.15
N TYR E 50 23.66 21.43 -7.27
CA TYR E 50 22.29 20.92 -7.25
C TYR E 50 21.89 20.63 -5.81
N ILE E 51 20.76 21.20 -5.39
CA ILE E 51 20.14 20.86 -4.12
C ILE E 51 18.76 20.29 -4.40
N SER E 52 18.50 19.09 -3.89
CA SER E 52 17.25 18.40 -4.18
C SER E 52 16.11 18.98 -3.34
N SER E 53 14.91 18.47 -3.58
CA SER E 53 13.75 18.89 -2.80
C SER E 53 13.84 18.30 -1.40
N GLY E 54 13.68 19.16 -0.39
CA GLY E 54 13.86 18.73 0.98
C GLY E 54 15.29 18.71 1.45
N SER E 55 16.23 19.27 0.68
CA SER E 55 17.64 19.41 1.03
C SER E 55 18.33 18.08 1.25
N GLY E 56 17.71 16.97 0.87
CA GLY E 56 18.27 15.67 1.15
C GLY E 56 19.56 15.40 0.40
N THR E 57 19.62 15.78 -0.87
CA THR E 57 20.74 15.46 -1.74
C THR E 57 21.36 16.75 -2.28
N ILE E 58 22.69 16.81 -2.25
CA ILE E 58 23.43 17.97 -2.75
C ILE E 58 24.60 17.46 -3.59
N TYR E 59 24.80 18.09 -4.75
CA TYR E 59 25.95 17.81 -5.60
C TYR E 59 26.67 19.10 -5.93
N TYR E 60 27.97 18.98 -6.19
CA TYR E 60 28.81 20.09 -6.61
C TYR E 60 29.67 19.65 -7.79
N ALA E 61 29.99 20.61 -8.65
CA ALA E 61 31.01 20.38 -9.67
C ALA E 61 32.37 20.22 -9.03
N ASP E 62 33.23 19.45 -9.68
CA ASP E 62 34.57 19.21 -9.14
C ASP E 62 35.39 20.49 -9.10
N THR E 63 35.04 21.49 -9.91
CA THR E 63 35.77 22.75 -9.93
C THR E 63 35.29 23.72 -8.86
N VAL E 64 34.18 23.44 -8.18
CA VAL E 64 33.66 24.31 -7.14
C VAL E 64 33.46 23.59 -5.81
N LYS E 65 33.71 22.29 -5.73
CA LYS E 65 33.48 21.55 -4.50
C LYS E 65 34.38 22.07 -3.39
N GLY E 66 33.80 22.25 -2.21
CA GLY E 66 34.50 22.79 -1.06
C GLY E 66 34.38 24.30 -0.93
N ARG E 67 34.58 25.01 -2.04
CA ARG E 67 34.48 26.47 -2.04
C ARG E 67 33.05 26.98 -2.11
N PHE E 68 32.12 26.18 -2.65
CA PHE E 68 30.74 26.60 -2.81
C PHE E 68 29.84 25.81 -1.88
N THR E 69 28.74 26.44 -1.45
CA THR E 69 27.74 25.80 -0.61
C THR E 69 26.37 26.25 -1.08
N ILE E 70 25.53 25.30 -1.48
CA ILE E 70 24.19 25.56 -1.96
C ILE E 70 23.19 25.24 -0.86
N SER E 71 22.21 26.13 -0.70
CA SER E 71 21.20 25.99 0.35
C SER E 71 19.91 26.65 -0.13
N ARG E 72 18.80 26.25 0.49
CA ARG E 72 17.50 26.80 0.14
C ARG E 72 16.73 27.16 1.40
N ASP E 73 15.88 28.17 1.29
CA ASP E 73 15.00 28.62 2.37
C ASP E 73 13.57 28.42 1.88
N ASP E 74 13.03 27.23 2.10
CA ASP E 74 11.71 26.91 1.55
C ASP E 74 10.60 27.82 2.06
N PRO E 75 10.54 28.20 3.35
CA PRO E 75 9.56 29.20 3.77
C PRO E 75 9.50 30.43 2.87
N LYS E 76 10.65 30.98 2.50
CA LYS E 76 10.72 32.21 1.71
C LYS E 76 10.94 31.96 0.22
N ASN E 77 11.01 30.70 -0.21
CA ASN E 77 11.22 30.33 -1.61
C ASN E 77 12.50 30.97 -2.14
N THR E 78 13.60 30.76 -1.42
CA THR E 78 14.87 31.39 -1.74
C THR E 78 15.95 30.34 -1.86
N LEU E 79 16.84 30.52 -2.84
CA LEU E 79 17.97 29.66 -3.09
C LEU E 79 19.25 30.45 -2.91
N PHE E 80 20.25 29.81 -2.30
CA PHE E 80 21.52 30.46 -2.00
C PHE E 80 22.67 29.68 -2.61
N LEU E 81 23.75 30.40 -2.91
CA LEU E 81 25.02 29.79 -3.32
C LEU E 81 26.13 30.57 -2.63
N GLN E 82 26.55 30.08 -1.47
CA GLN E 82 27.68 30.68 -0.75
C GLN E 82 28.95 30.38 -1.53
N MET E 83 29.65 31.43 -1.93
CA MET E 83 30.83 31.30 -2.77
C MET E 83 32.01 31.91 -2.03
N THR E 84 33.07 31.13 -1.83
CA THR E 84 34.23 31.55 -1.08
C THR E 84 35.50 31.21 -1.83
N SER E 85 36.58 31.93 -1.51
CA SER E 85 37.88 31.76 -2.16
C SER E 85 37.75 31.92 -3.67
N LEU E 86 37.07 32.98 -4.09
CA LEU E 86 36.73 33.15 -5.49
C LEU E 86 37.97 33.37 -6.34
N ARG E 87 38.02 32.69 -7.47
CA ARG E 87 39.13 32.71 -8.40
C ARG E 87 38.76 33.55 -9.62
N SER E 88 39.77 33.90 -10.42
CA SER E 88 39.52 34.66 -11.63
C SER E 88 38.69 33.88 -12.64
N GLU E 89 38.63 32.55 -12.53
CA GLU E 89 37.81 31.72 -13.39
C GLU E 89 36.35 31.69 -12.95
N ASP E 90 36.02 32.28 -11.82
CA ASP E 90 34.67 32.24 -11.27
C ASP E 90 33.78 33.36 -11.79
N THR E 91 34.29 34.26 -12.63
CA THR E 91 33.47 35.33 -13.18
C THR E 91 32.63 34.80 -14.33
N ALA E 92 31.31 34.95 -14.21
CA ALA E 92 30.39 34.41 -15.20
C ALA E 92 29.00 34.99 -14.91
N MET E 93 28.03 34.54 -15.69
CA MET E 93 26.63 34.85 -15.46
C MET E 93 25.95 33.61 -14.88
N TYR E 94 25.47 33.71 -13.66
CA TYR E 94 24.96 32.58 -12.91
C TYR E 94 23.45 32.49 -13.06
N TYR E 95 22.97 31.28 -13.33
CA TYR E 95 21.55 31.04 -13.58
C TYR E 95 20.99 30.14 -12.49
N CYS E 96 19.73 30.36 -12.16
CA CYS E 96 18.99 29.57 -11.18
C CYS E 96 17.95 28.76 -11.94
N VAL E 97 18.10 27.44 -11.92
CA VAL E 97 17.35 26.56 -12.83
C VAL E 97 16.41 25.68 -12.01
N ARG E 98 15.20 25.52 -12.53
CA ARG E 98 14.11 24.80 -11.88
C ARG E 98 14.00 23.41 -12.50
N SER E 99 13.94 22.38 -11.65
CA SER E 99 13.83 21.02 -12.17
C SER E 99 13.10 20.12 -11.17
N ILE E 100 12.22 19.26 -11.68
CA ILE E 100 11.47 18.32 -10.87
C ILE E 100 11.60 16.94 -11.51
N TYR E 101 11.58 15.90 -10.68
CA TYR E 101 11.87 14.54 -11.14
C TYR E 101 10.79 13.57 -10.66
N TYR E 102 9.91 13.19 -11.58
CA TYR E 102 9.04 12.04 -11.42
C TYR E 102 8.89 11.41 -12.81
N TYR E 103 8.17 10.30 -12.88
CA TYR E 103 8.03 9.61 -14.15
C TYR E 103 7.22 10.46 -15.11
N GLY E 104 7.82 10.80 -16.26
CA GLY E 104 7.15 11.60 -17.25
C GLY E 104 7.26 13.10 -17.07
N SER E 105 8.16 13.55 -16.20
CA SER E 105 8.34 14.97 -15.97
C SER E 105 9.43 15.53 -16.86
N SER E 106 9.40 16.85 -17.03
CA SER E 106 10.45 17.55 -17.76
C SER E 106 11.25 18.41 -16.79
N PRO E 107 12.47 18.04 -16.46
CA PRO E 107 13.32 18.92 -15.65
C PRO E 107 13.97 19.99 -16.51
N PHE E 108 14.61 20.95 -15.82
CA PHE E 108 15.32 22.06 -16.45
C PHE E 108 14.39 22.90 -17.34
N ASP E 109 13.16 23.11 -16.85
CA ASP E 109 12.17 23.86 -17.61
C ASP E 109 12.44 25.36 -17.59
N PHE E 110 12.43 25.96 -16.41
CA PHE E 110 12.49 27.40 -16.25
C PHE E 110 13.86 27.82 -15.75
N TRP E 111 14.39 28.89 -16.35
CA TRP E 111 15.68 29.44 -15.98
C TRP E 111 15.50 30.89 -15.55
N GLY E 112 16.18 31.28 -14.49
CA GLY E 112 16.15 32.66 -14.07
C GLY E 112 16.87 33.55 -15.06
N GLN E 113 16.64 34.86 -14.90
CA GLN E 113 17.23 35.83 -15.83
C GLN E 113 18.74 35.84 -15.74
N GLY E 114 19.29 35.63 -14.54
CA GLY E 114 20.73 35.57 -14.35
C GLY E 114 21.27 36.79 -13.64
N THR E 115 22.37 36.57 -12.90
CA THR E 115 23.10 37.63 -12.23
C THR E 115 24.57 37.51 -12.57
N THR E 116 25.21 38.64 -12.83
CA THR E 116 26.60 38.66 -13.29
C THR E 116 27.54 38.84 -12.11
N LEU E 117 28.53 37.96 -12.00
CA LEU E 117 29.61 38.08 -11.03
C LEU E 117 30.89 38.37 -11.79
N THR E 118 31.54 39.49 -11.46
CA THR E 118 32.81 39.87 -12.06
C THR E 118 33.89 39.79 -11.00
N VAL E 119 34.90 38.96 -11.24
CA VAL E 119 36.03 38.80 -10.32
C VAL E 119 37.24 39.45 -10.99
N SER E 120 37.78 40.49 -10.34
CA SER E 120 38.89 41.23 -10.92
C SER E 120 40.17 40.40 -10.88
N SER E 121 41.10 40.77 -11.76
CA SER E 121 42.38 40.08 -11.85
C SER E 121 43.51 41.05 -12.17
N SER E 136 36.67 11.15 -16.48
CA SER E 136 35.88 10.35 -15.54
C SER E 136 34.39 10.62 -15.72
N ASP E 137 34.06 11.73 -16.39
CA ASP E 137 32.69 12.12 -16.63
C ASP E 137 32.38 12.11 -18.12
N ILE E 138 31.09 12.25 -18.44
CA ILE E 138 30.65 12.17 -19.83
C ILE E 138 31.03 13.46 -20.54
N VAL E 139 31.61 13.32 -21.74
CA VAL E 139 32.04 14.45 -22.54
C VAL E 139 31.07 14.62 -23.70
N MET E 140 30.40 15.76 -23.75
CA MET E 140 29.47 16.09 -24.83
C MET E 140 30.17 16.98 -25.84
N THR E 141 30.10 16.61 -27.12
CA THR E 141 30.84 17.27 -28.17
C THR E 141 29.89 17.73 -29.27
N GLN E 142 30.03 18.99 -29.69
CA GLN E 142 29.32 19.52 -30.85
C GLN E 142 30.38 19.97 -31.85
N ALA E 143 30.48 19.24 -32.96
CA ALA E 143 31.57 19.47 -33.90
C ALA E 143 31.51 20.87 -34.50
N THR E 144 30.32 21.32 -34.89
CA THR E 144 30.16 22.63 -35.48
C THR E 144 29.99 23.69 -34.39
N SER E 145 30.23 24.93 -34.76
CA SER E 145 30.10 26.06 -33.85
C SER E 145 29.21 27.17 -34.40
N SER E 146 29.26 27.42 -35.71
CA SER E 146 28.47 28.48 -36.32
C SER E 146 27.97 28.01 -37.67
N VAL E 147 26.65 27.98 -37.84
CA VAL E 147 26.04 27.53 -39.09
C VAL E 147 25.10 28.63 -39.61
N PRO E 148 25.46 29.33 -40.69
CA PRO E 148 24.56 30.35 -41.24
C PRO E 148 23.54 29.72 -42.17
N VAL E 149 22.26 29.86 -41.82
CA VAL E 149 21.17 29.26 -42.58
C VAL E 149 20.14 30.33 -42.88
N THR E 150 19.70 30.38 -44.14
CA THR E 150 18.62 31.29 -44.51
C THR E 150 17.29 30.77 -43.96
N PRO E 151 16.35 31.66 -43.68
CA PRO E 151 15.06 31.22 -43.13
C PRO E 151 14.31 30.32 -44.09
N GLY E 152 13.53 29.40 -43.52
CA GLY E 152 12.72 28.49 -44.29
C GLY E 152 13.39 27.21 -44.72
N GLU E 153 14.65 27.00 -44.35
CA GLU E 153 15.41 25.81 -44.74
C GLU E 153 15.64 24.93 -43.52
N SER E 154 15.38 23.63 -43.67
CA SER E 154 15.61 22.69 -42.58
C SER E 154 17.10 22.63 -42.24
N VAL E 155 17.39 22.72 -40.95
CA VAL E 155 18.76 22.71 -40.44
C VAL E 155 18.88 21.61 -39.40
N SER E 156 20.02 20.91 -39.41
CA SER E 156 20.30 19.84 -38.47
C SER E 156 21.45 20.25 -37.56
N ILE E 157 21.25 20.10 -36.26
CA ILE E 157 22.28 20.37 -35.26
C ILE E 157 22.60 19.05 -34.58
N SER E 158 23.88 18.68 -34.58
CA SER E 158 24.33 17.40 -34.08
C SER E 158 25.07 17.58 -32.75
N CYS E 159 25.01 16.53 -31.93
CA CYS E 159 25.76 16.48 -30.68
C CYS E 159 26.22 15.04 -30.48
N ARG E 160 27.46 14.87 -30.01
CA ARG E 160 28.04 13.56 -29.78
C ARG E 160 28.36 13.39 -28.30
N SER E 161 28.33 12.15 -27.85
CA SER E 161 28.58 11.81 -26.45
C SER E 161 29.81 10.94 -26.33
N SER E 162 30.46 11.03 -25.16
CA SER E 162 31.61 10.17 -24.89
C SER E 162 31.20 8.73 -24.65
N LYS E 163 30.07 8.53 -23.95
CA LYS E 163 29.52 7.22 -23.69
C LYS E 163 28.04 7.23 -24.02
N SER E 164 27.46 6.03 -24.04
CA SER E 164 26.05 5.90 -24.41
C SER E 164 25.16 6.50 -23.32
N LEU E 165 24.26 7.38 -23.73
CA LEU E 165 23.29 7.96 -22.81
C LEU E 165 22.05 7.09 -22.64
N LEU E 166 21.92 6.02 -23.42
CA LEU E 166 20.83 5.08 -23.23
C LEU E 166 21.02 4.29 -21.95
N HIS E 167 19.92 4.05 -21.25
CA HIS E 167 19.91 3.33 -19.99
C HIS E 167 19.04 2.08 -20.12
N SER E 168 19.08 1.25 -19.08
CA SER E 168 18.26 0.04 -19.08
C SER E 168 16.77 0.35 -19.09
N ASN E 169 16.38 1.54 -18.66
CA ASN E 169 14.98 1.93 -18.70
C ASN E 169 14.49 2.17 -20.13
N GLY E 170 15.41 2.28 -21.08
CA GLY E 170 15.08 2.53 -22.47
C GLY E 170 15.05 3.98 -22.87
N ASN E 171 15.21 4.90 -21.92
CA ASN E 171 15.21 6.33 -22.20
C ASN E 171 16.64 6.86 -22.15
N THR E 172 17.00 7.67 -23.13
CA THR E 172 18.32 8.29 -23.21
C THR E 172 18.23 9.71 -22.68
N TYR E 173 19.09 10.04 -21.73
CA TYR E 173 19.01 11.32 -21.04
C TYR E 173 19.84 12.36 -21.80
N LEU E 174 19.22 12.91 -22.83
CA LEU E 174 19.81 14.00 -23.61
C LEU E 174 18.84 15.17 -23.64
N TYR E 175 19.36 16.36 -23.36
CA TYR E 175 18.54 17.57 -23.29
C TYR E 175 19.08 18.62 -24.26
N TRP E 176 18.17 19.41 -24.81
CA TRP E 176 18.50 20.48 -25.74
C TRP E 176 17.96 21.80 -25.21
N PHE E 177 18.79 22.83 -25.28
CA PHE E 177 18.41 24.17 -24.84
C PHE E 177 18.75 25.17 -25.93
N LEU E 178 17.97 26.25 -25.98
CA LEU E 178 18.22 27.35 -26.90
C LEU E 178 18.35 28.64 -26.08
N GLN E 179 19.45 29.35 -26.28
CA GLN E 179 19.69 30.63 -25.63
C GLN E 179 19.68 31.72 -26.69
N ARG E 180 18.60 32.48 -26.75
CA ARG E 180 18.52 33.63 -27.64
C ARG E 180 19.47 34.72 -27.17
N PRO E 181 19.96 35.55 -28.10
CA PRO E 181 20.91 36.61 -27.71
C PRO E 181 20.32 37.58 -26.69
N GLY E 182 20.89 37.61 -25.49
CA GLY E 182 20.42 38.47 -24.43
C GLY E 182 19.43 37.84 -23.47
N GLN E 183 19.13 36.55 -23.62
CA GLN E 183 18.16 35.87 -22.79
C GLN E 183 18.77 34.59 -22.21
N SER E 184 18.11 34.06 -21.18
CA SER E 184 18.51 32.81 -20.57
C SER E 184 18.04 31.63 -21.42
N PRO E 185 18.72 30.49 -21.32
CA PRO E 185 18.32 29.32 -22.11
C PRO E 185 16.92 28.83 -21.74
N GLN E 186 16.23 28.28 -22.73
CA GLN E 186 14.93 27.66 -22.54
C GLN E 186 14.96 26.24 -23.07
N LEU E 187 14.34 25.33 -22.33
CA LEU E 187 14.29 23.93 -22.75
C LEU E 187 13.35 23.77 -23.94
N LEU E 188 13.75 22.91 -24.89
CA LEU E 188 12.85 22.59 -25.99
C LEU E 188 12.76 21.09 -26.23
N ILE E 189 13.81 20.34 -25.87
CA ILE E 189 13.82 18.89 -26.00
C ILE E 189 14.38 18.30 -24.72
N TYR E 190 13.66 17.37 -24.12
CA TYR E 190 14.15 16.65 -22.96
C TYR E 190 14.10 15.15 -23.21
N ARG E 191 15.17 14.46 -22.79
CA ARG E 191 15.34 13.02 -23.00
C ARG E 191 15.27 12.65 -24.48
N MET E 192 15.80 13.53 -25.32
CA MET E 192 16.19 13.26 -26.70
C MET E 192 15.01 13.10 -27.65
N SER E 193 13.82 12.97 -27.12
CA SER E 193 12.66 12.80 -28.00
C SER E 193 11.52 13.75 -27.66
N ASN E 194 11.29 14.01 -26.39
CA ASN E 194 10.09 14.71 -25.96
C ASN E 194 10.19 16.21 -26.22
N LEU E 195 9.06 16.81 -26.58
CA LEU E 195 8.99 18.23 -26.88
C LEU E 195 8.54 18.99 -25.64
N ALA E 196 9.29 20.02 -25.29
CA ALA E 196 8.98 20.80 -24.10
C ALA E 196 7.67 21.56 -24.29
N SER E 197 7.03 21.88 -23.16
CA SER E 197 5.77 22.61 -23.20
C SER E 197 5.99 24.03 -23.68
N GLY E 198 5.17 24.46 -24.64
CA GLY E 198 5.18 25.82 -25.12
C GLY E 198 6.08 26.08 -26.31
N VAL E 199 6.89 25.12 -26.73
CA VAL E 199 7.79 25.33 -27.86
C VAL E 199 7.11 24.84 -29.14
N PRO E 200 7.44 25.41 -30.30
CA PRO E 200 6.79 25.00 -31.54
C PRO E 200 7.14 23.56 -31.93
N ASP E 201 6.25 22.98 -32.74
CA ASP E 201 6.41 21.59 -33.14
C ASP E 201 7.50 21.39 -34.19
N ARG E 202 8.06 22.48 -34.73
CA ARG E 202 9.09 22.35 -35.74
C ARG E 202 10.42 21.84 -35.19
N PHE E 203 10.55 21.72 -33.87
CA PHE E 203 11.74 21.16 -33.26
C PHE E 203 11.56 19.66 -33.05
N SER E 204 12.52 18.87 -33.54
CA SER E 204 12.47 17.42 -33.42
C SER E 204 13.83 16.91 -32.96
N GLY E 205 13.81 15.86 -32.16
CA GLY E 205 15.03 15.29 -31.63
C GLY E 205 15.14 13.81 -31.92
N SER E 206 16.33 13.38 -32.33
CA SER E 206 16.59 11.99 -32.66
C SER E 206 18.03 11.67 -32.32
N GLY E 207 18.32 10.38 -32.26
CA GLY E 207 19.66 9.92 -31.92
C GLY E 207 19.63 8.47 -31.49
N SER E 208 20.82 7.96 -31.17
CA SER E 208 20.95 6.58 -30.72
C SER E 208 22.20 6.47 -29.85
N GLY E 209 22.02 6.53 -28.54
CA GLY E 209 23.11 6.22 -27.62
C GLY E 209 24.20 7.26 -27.53
N THR E 210 24.96 7.43 -28.62
CA THR E 210 26.12 8.30 -28.64
C THR E 210 25.94 9.51 -29.54
N ALA E 211 25.42 9.33 -30.74
CA ALA E 211 25.20 10.44 -31.65
C ALA E 211 23.73 10.88 -31.59
N PHE E 212 23.53 12.19 -31.65
CA PHE E 212 22.19 12.77 -31.55
C PHE E 212 22.08 13.90 -32.55
N THR E 213 20.83 14.23 -32.90
CA THR E 213 20.56 15.27 -33.89
C THR E 213 19.29 16.01 -33.51
N LEU E 214 19.36 17.34 -33.52
CA LEU E 214 18.19 18.20 -33.38
C LEU E 214 17.86 18.81 -34.73
N THR E 215 16.60 18.72 -35.13
CA THR E 215 16.15 19.19 -36.44
C THR E 215 15.15 20.32 -36.27
N ILE E 216 15.41 21.42 -36.98
CA ILE E 216 14.48 22.55 -37.06
C ILE E 216 13.96 22.63 -38.49
N SER E 217 12.63 22.61 -38.64
CA SER E 217 12.05 22.53 -39.97
C SER E 217 12.10 23.88 -40.69
N ARG E 218 11.46 24.89 -40.12
CA ARG E 218 11.45 26.23 -40.69
C ARG E 218 12.02 27.21 -39.68
N LEU E 219 12.84 28.14 -40.16
CA LEU E 219 13.60 29.06 -39.31
C LEU E 219 12.94 30.42 -39.32
N GLU E 220 12.41 30.84 -38.18
CA GLU E 220 11.90 32.18 -37.98
C GLU E 220 13.01 33.08 -37.43
N ALA E 221 12.64 34.32 -37.13
CA ALA E 221 13.61 35.25 -36.55
C ALA E 221 13.89 34.95 -35.08
N GLU E 222 13.03 34.17 -34.43
CA GLU E 222 13.20 33.81 -33.03
C GLU E 222 13.99 32.53 -32.85
N ASP E 223 14.38 31.86 -33.92
CA ASP E 223 15.19 30.65 -33.85
C ASP E 223 16.68 30.94 -33.84
N VAL E 224 17.07 32.22 -33.87
CA VAL E 224 18.47 32.59 -33.86
C VAL E 224 19.00 32.53 -32.43
N GLY E 225 20.07 31.78 -32.23
CA GLY E 225 20.66 31.66 -30.92
C GLY E 225 21.67 30.53 -30.88
N VAL E 226 22.06 30.17 -29.67
CA VAL E 226 23.04 29.12 -29.43
C VAL E 226 22.31 27.91 -28.86
N TYR E 227 22.57 26.74 -29.43
CA TYR E 227 21.92 25.50 -29.05
C TYR E 227 22.88 24.64 -28.26
N TYR E 228 22.44 24.17 -27.09
CA TYR E 228 23.28 23.40 -26.19
C TYR E 228 22.70 22.01 -26.02
N CYS E 229 23.56 21.00 -26.00
CA CYS E 229 23.16 19.63 -25.72
C CYS E 229 23.66 19.26 -24.33
N MET E 230 22.78 18.68 -23.53
CA MET E 230 23.04 18.36 -22.13
C MET E 230 22.68 16.91 -21.85
N GLN E 231 23.49 16.26 -21.02
CA GLN E 231 23.23 14.90 -20.57
C GLN E 231 22.86 14.92 -19.10
N HIS E 232 21.88 14.09 -18.74
CA HIS E 232 21.44 13.94 -17.36
C HIS E 232 21.54 12.48 -16.92
N LEU E 233 22.51 11.74 -17.46
CA LEU E 233 22.65 10.33 -17.11
C LEU E 233 23.24 10.18 -15.72
N GLU E 234 24.24 11.00 -15.39
CA GLU E 234 24.87 10.92 -14.07
C GLU E 234 25.52 12.26 -13.77
N TYR E 235 25.82 12.46 -12.49
CA TYR E 235 26.50 13.68 -12.09
C TYR E 235 28.01 13.49 -12.16
N PRO E 236 28.77 14.54 -12.53
CA PRO E 236 28.33 15.91 -12.81
C PRO E 236 27.62 16.07 -14.15
N LEU E 237 26.58 16.89 -14.19
CA LEU E 237 25.92 17.19 -15.45
C LEU E 237 26.84 17.96 -16.38
N THR E 238 26.86 17.57 -17.65
CA THR E 238 27.79 18.11 -18.62
C THR E 238 27.04 18.72 -19.80
N PHE E 239 27.54 19.84 -20.28
CA PHE E 239 27.04 20.50 -21.48
C PHE E 239 28.04 20.35 -22.60
N GLY E 240 27.57 20.60 -23.82
CA GLY E 240 28.44 20.68 -24.97
C GLY E 240 28.66 22.13 -25.40
N ALA E 241 29.76 22.35 -26.11
CA ALA E 241 30.02 23.67 -26.67
C ALA E 241 28.92 24.04 -27.65
N GLY E 242 28.26 25.17 -27.39
CA GLY E 242 27.04 25.49 -28.11
C GLY E 242 27.27 25.73 -29.59
N THR E 243 26.20 25.49 -30.36
CA THR E 243 26.20 25.71 -31.80
C THR E 243 25.31 26.92 -32.10
N LYS E 244 25.87 27.90 -32.80
CA LYS E 244 25.17 29.15 -33.07
C LYS E 244 24.60 29.14 -34.48
N LEU E 245 23.38 29.64 -34.62
CA LEU E 245 22.72 29.77 -35.91
C LEU E 245 22.67 31.23 -36.31
N GLU E 246 23.07 31.51 -37.55
CA GLU E 246 23.06 32.86 -38.09
C GLU E 246 22.12 32.92 -39.29
N LEU E 247 21.53 34.10 -39.50
CA LEU E 247 20.62 34.31 -40.62
C LEU E 247 21.40 34.59 -41.91
C06 OJX F . 23.17 -28.42 30.29
C07 OJX F . 23.47 -26.25 29.69
C08 OJX F . 22.10 -26.06 29.77
C09 OJX F . 21.80 -28.25 30.38
C10 OJX F . 23.77 -29.79 30.60
C11 OJX F . 21.49 -24.70 29.46
N04 OJX F . 23.98 -27.44 29.96
N05 OJX F . 21.30 -27.06 30.11
O01 OJX F . 25.35 -27.64 29.88
O02 OJX F . 20.27 -24.59 29.20
O03 OJX F . 22.23 -23.67 29.46
#